data_8G97
#
_entry.id   8G97
#
_cell.length_a   63.837
_cell.length_b   93.928
_cell.length_c   152.257
_cell.angle_alpha   90.000
_cell.angle_beta   90.000
_cell.angle_gamma   90.000
#
_symmetry.space_group_name_H-M   'P 21 21 21'
#
loop_
_entity.id
_entity.type
_entity.pdbx_description
1 polymer 'Dimodular nonribosomal peptide synthase'
2 non-polymer GLYCEROL
3 non-polymer 'MAGNESIUM ION'
4 non-polymer D-ORNITHINE
5 water water
#
_entity_poly.entity_id   1
_entity_poly.type   'polypeptide(L)'
_entity_poly.pdbx_seq_one_letter_code
;GHMNQFVTNTKNVIRGKYHPEFLQNEVLADIFAHTAQTLPDKTALIEADKTLSYGELYQQALIMAQHLALKGVKPGHIVG
LWLPRGIELLKAQLAICLSGAAWLPFDMDTPADRIAVCLEDAEAVGMITTDEWYEHLAEVPQTKWTNTELQKPLSESVSL
AKTTPDQPAYIIYTSGSTGKPKGIVITQKNICHFLRSENSILGIQEQDKVYQGFSVAFDMSFEEIWLSYLVGATLWIAPK
SLVSDPERLCQTLKQEQITVLHAVPTLLALFPEDVPNLRIINLGGEMCPDSLVDRWALPHHQMFNTYGPTETTVSASLEL
LERGKPVTIGKPLPNYGMLVINSERELLEQGETGELCIFGPSVAQGYLGRPDLTADKFIENPWAMSVEEELLYRTGDLAK
IDEFGQVHCLGRA
;
_entity_poly.pdbx_strand_id   A,B
#
# COMPACT_ATOMS: atom_id res chain seq x y z
N ASN A 9 -18.19 20.62 0.83
CA ASN A 9 -19.06 19.45 0.84
C ASN A 9 -19.82 19.32 -0.47
N THR A 10 -19.60 18.20 -1.18
CA THR A 10 -20.22 18.00 -2.48
C THR A 10 -20.58 16.53 -2.67
N LYS A 11 -21.83 16.29 -3.02
CA LYS A 11 -22.35 14.97 -3.33
C LYS A 11 -22.27 14.65 -4.82
N ASN A 12 -21.57 15.48 -5.59
CA ASN A 12 -21.41 15.30 -7.04
C ASN A 12 -20.02 14.80 -7.42
N VAL A 13 -19.23 14.35 -6.45
CA VAL A 13 -17.93 13.72 -6.70
C VAL A 13 -17.89 12.44 -5.86
N ILE A 14 -17.72 11.29 -6.52
CA ILE A 14 -17.86 10.00 -5.86
C ILE A 14 -16.51 9.29 -5.89
N ARG A 15 -16.02 8.90 -4.72
CA ARG A 15 -14.72 8.26 -4.58
C ARG A 15 -14.89 6.84 -4.09
N GLY A 16 -13.92 6.00 -4.43
CA GLY A 16 -13.78 4.70 -3.80
C GLY A 16 -13.17 4.82 -2.43
N LYS A 17 -13.05 3.68 -1.74
CA LYS A 17 -12.48 3.68 -0.41
C LYS A 17 -11.06 4.25 -0.43
N TYR A 18 -10.69 4.89 0.66
CA TYR A 18 -9.38 5.54 0.81
C TYR A 18 -8.36 4.51 1.28
N HIS A 19 -7.39 4.20 0.41
CA HIS A 19 -6.37 3.19 0.68
C HIS A 19 -5.04 3.65 0.10
N PRO A 20 -4.36 4.58 0.76
CA PRO A 20 -3.06 5.04 0.24
C PRO A 20 -2.01 3.95 0.23
N GLU A 21 -2.17 2.91 1.06
CA GLU A 21 -1.21 1.81 1.07
C GLU A 21 -1.26 0.96 -0.19
N PHE A 22 -2.25 1.15 -1.06
CA PHE A 22 -2.26 0.46 -2.35
C PHE A 22 -1.31 1.11 -3.34
N LEU A 23 -0.88 2.34 -3.07
CA LEU A 23 0.11 3.04 -3.89
C LEU A 23 1.48 2.79 -3.27
N GLN A 24 2.20 1.82 -3.80
CA GLN A 24 3.54 1.49 -3.34
C GLN A 24 4.58 1.96 -4.35
N ASN A 25 5.84 1.82 -3.96
CA ASN A 25 6.95 2.17 -4.84
C ASN A 25 7.45 0.91 -5.54
N GLU A 26 6.60 0.39 -6.42
CA GLU A 26 6.77 -0.94 -6.97
C GLU A 26 6.56 -0.93 -8.48
N VAL A 27 6.92 -2.04 -9.11
CA VAL A 27 6.67 -2.29 -10.52
C VAL A 27 6.25 -3.76 -10.64
N LEU A 28 5.63 -4.08 -11.78
CA LEU A 28 5.07 -5.41 -11.98
C LEU A 28 6.08 -6.50 -11.65
N ALA A 29 7.32 -6.34 -12.14
CA ALA A 29 8.37 -7.30 -11.83
C ALA A 29 8.50 -7.49 -10.32
N ASP A 30 8.36 -6.42 -9.55
CA ASP A 30 8.45 -6.56 -8.09
C ASP A 30 7.35 -7.47 -7.57
N ILE A 31 6.12 -7.24 -8.00
CA ILE A 31 5.00 -8.06 -7.53
C ILE A 31 5.23 -9.53 -7.87
N PHE A 32 5.57 -9.80 -9.14
CA PHE A 32 5.76 -11.21 -9.52
C PHE A 32 6.96 -11.84 -8.82
N ALA A 33 8.07 -11.11 -8.73
CA ALA A 33 9.26 -11.66 -8.10
C ALA A 33 8.98 -11.97 -6.64
N HIS A 34 8.24 -11.09 -5.96
CA HIS A 34 7.85 -11.38 -4.59
C HIS A 34 7.07 -12.69 -4.54
N THR A 35 6.06 -12.82 -5.40
CA THR A 35 5.24 -14.04 -5.36
C THR A 35 6.08 -15.28 -5.65
N ALA A 36 7.02 -15.20 -6.60
CA ALA A 36 7.78 -16.37 -7.00
C ALA A 36 8.81 -16.77 -5.94
N GLN A 37 9.42 -15.78 -5.29
CA GLN A 37 10.36 -16.07 -4.23
C GLN A 37 9.64 -16.56 -2.97
N THR A 38 8.40 -16.11 -2.75
CA THR A 38 7.64 -16.56 -1.59
C THR A 38 7.07 -17.96 -1.77
N LEU A 39 6.79 -18.38 -3.00
CA LEU A 39 6.12 -19.66 -3.23
C LEU A 39 6.73 -20.38 -4.42
N PRO A 40 8.05 -20.56 -4.44
CA PRO A 40 8.69 -21.10 -5.66
C PRO A 40 8.12 -22.42 -6.12
N ASP A 41 7.75 -23.31 -5.19
CA ASP A 41 7.31 -24.65 -5.53
C ASP A 41 5.81 -24.73 -5.79
N LYS A 42 5.09 -23.63 -5.65
CA LYS A 42 3.66 -23.61 -5.98
C LYS A 42 3.47 -23.59 -7.48
N THR A 43 2.48 -24.33 -7.96
CA THR A 43 2.17 -24.36 -9.38
C THR A 43 1.53 -23.04 -9.79
N ALA A 44 2.12 -22.37 -10.79
CA ALA A 44 1.58 -21.14 -11.34
C ALA A 44 0.75 -21.35 -12.60
N LEU A 45 1.16 -22.26 -13.48
CA LEU A 45 0.54 -22.39 -14.79
C LEU A 45 0.15 -23.84 -15.06
N ILE A 46 -0.99 -24.00 -15.73
CA ILE A 46 -1.48 -25.31 -16.16
C ILE A 46 -1.92 -25.17 -17.61
N GLU A 47 -1.35 -26.00 -18.48
CA GLU A 47 -1.75 -26.05 -19.89
C GLU A 47 -2.03 -27.52 -20.20
N ALA A 48 -3.29 -27.91 -20.17
CA ALA A 48 -3.67 -29.31 -20.33
C ALA A 48 -3.04 -30.15 -19.23
N ASP A 49 -1.96 -30.86 -19.55
CA ASP A 49 -1.24 -31.67 -18.57
C ASP A 49 0.11 -31.09 -18.16
N LYS A 50 0.71 -30.22 -18.97
CA LYS A 50 1.92 -29.53 -18.57
C LYS A 50 1.64 -28.57 -17.42
N THR A 51 2.53 -28.56 -16.42
CA THR A 51 2.46 -27.63 -15.31
C THR A 51 3.82 -27.00 -15.05
N LEU A 52 3.81 -25.71 -14.69
CA LEU A 52 5.01 -24.98 -14.35
C LEU A 52 4.83 -24.31 -13.00
N SER A 53 5.87 -24.31 -12.17
CA SER A 53 5.79 -23.69 -10.86
C SER A 53 6.19 -22.22 -10.94
N TYR A 54 5.87 -21.48 -9.88
CA TYR A 54 6.25 -20.07 -9.83
C TYR A 54 7.76 -19.91 -9.89
N GLY A 55 8.50 -20.79 -9.22
CA GLY A 55 9.96 -20.72 -9.31
C GLY A 55 10.47 -21.06 -10.69
N GLU A 56 9.96 -22.14 -11.27
CA GLU A 56 10.35 -22.52 -12.63
C GLU A 56 10.03 -21.39 -13.61
N LEU A 57 8.80 -20.88 -13.55
CA LEU A 57 8.39 -19.78 -14.40
C LEU A 57 9.31 -18.58 -14.22
N TYR A 58 9.64 -18.24 -12.98
CA TYR A 58 10.48 -17.08 -12.71
C TYR A 58 11.85 -17.26 -13.34
N GLN A 59 12.48 -18.42 -13.13
CA GLN A 59 13.82 -18.62 -13.67
C GLN A 59 13.83 -18.62 -15.19
N GLN A 60 12.87 -19.30 -15.82
CA GLN A 60 12.82 -19.33 -17.28
C GLN A 60 12.59 -17.93 -17.84
N ALA A 61 11.65 -17.18 -17.26
CA ALA A 61 11.42 -15.81 -17.70
C ALA A 61 12.65 -14.94 -17.47
N LEU A 62 13.41 -15.19 -16.40
CA LEU A 62 14.59 -14.39 -16.14
C LEU A 62 15.69 -14.67 -17.16
N ILE A 63 15.83 -15.93 -17.56
CA ILE A 63 16.76 -16.25 -18.65
C ILE A 63 16.35 -15.53 -19.93
N MET A 64 15.06 -15.58 -20.26
CA MET A 64 14.59 -14.88 -21.46
C MET A 64 14.84 -13.37 -21.35
N ALA A 65 14.65 -12.80 -20.16
CA ALA A 65 14.83 -11.37 -19.98
C ALA A 65 16.30 -10.98 -20.11
N GLN A 66 17.20 -11.80 -19.58
CA GLN A 66 18.62 -11.56 -19.77
C GLN A 66 18.97 -11.61 -21.25
N HIS A 67 18.34 -12.52 -21.99
CA HIS A 67 18.58 -12.58 -23.43
C HIS A 67 18.07 -11.31 -24.12
N LEU A 68 16.89 -10.82 -23.72
CA LEU A 68 16.40 -9.56 -24.26
C LEU A 68 17.36 -8.42 -23.96
N ALA A 69 17.87 -8.37 -22.72
CA ALA A 69 18.82 -7.33 -22.34
C ALA A 69 20.07 -7.40 -23.21
N LEU A 70 20.61 -8.61 -23.40
CA LEU A 70 21.72 -8.78 -24.33
C LEU A 70 21.38 -8.22 -25.71
N LYS A 71 20.17 -8.47 -26.18
CA LYS A 71 19.77 -7.98 -27.49
C LYS A 71 19.39 -6.50 -27.49
N GLY A 72 19.53 -5.81 -26.37
CA GLY A 72 19.39 -4.37 -26.34
C GLY A 72 18.13 -3.85 -25.71
N VAL A 73 17.29 -4.72 -25.14
CA VAL A 73 16.06 -4.28 -24.50
C VAL A 73 16.39 -3.65 -23.16
N LYS A 74 15.78 -2.51 -22.87
CA LYS A 74 16.03 -1.78 -21.63
C LYS A 74 14.71 -1.26 -21.08
N PRO A 75 14.67 -0.80 -19.83
CA PRO A 75 13.44 -0.20 -19.32
C PRO A 75 13.01 0.95 -20.22
N GLY A 76 11.70 1.05 -20.44
CA GLY A 76 11.14 2.06 -21.32
C GLY A 76 10.93 1.62 -22.76
N HIS A 77 11.53 0.50 -23.17
CA HIS A 77 11.29 -0.02 -24.50
C HIS A 77 9.97 -0.77 -24.55
N ILE A 78 9.42 -0.87 -25.75
CA ILE A 78 8.18 -1.61 -26.00
C ILE A 78 8.52 -2.83 -26.86
N VAL A 79 8.01 -3.99 -26.46
CA VAL A 79 8.31 -5.25 -27.11
C VAL A 79 6.98 -5.89 -27.50
N GLY A 80 6.82 -6.22 -28.78
CA GLY A 80 5.60 -6.87 -29.23
C GLY A 80 5.53 -8.31 -28.75
N LEU A 81 4.29 -8.76 -28.50
CA LEU A 81 4.04 -10.11 -28.00
C LEU A 81 2.99 -10.79 -28.88
N TRP A 82 3.37 -11.89 -29.53
CA TRP A 82 2.44 -12.58 -30.44
C TRP A 82 2.76 -14.08 -30.41
N LEU A 83 2.09 -14.80 -29.51
CA LEU A 83 2.25 -16.24 -29.39
C LEU A 83 0.90 -16.88 -29.16
N PRO A 84 0.79 -18.19 -29.39
CA PRO A 84 -0.47 -18.88 -29.10
C PRO A 84 -0.78 -18.90 -27.62
N ARG A 85 -2.06 -19.01 -27.30
CA ARG A 85 -2.48 -19.25 -25.93
C ARG A 85 -1.68 -20.40 -25.34
N GLY A 86 -1.27 -20.26 -24.09
CA GLY A 86 -0.51 -21.32 -23.46
C GLY A 86 0.57 -20.84 -22.50
N ILE A 87 1.32 -21.79 -21.96
CA ILE A 87 2.37 -21.45 -21.00
C ILE A 87 3.41 -20.52 -21.63
N GLU A 88 3.76 -20.75 -22.90
CA GLU A 88 4.82 -19.96 -23.52
C GLU A 88 4.41 -18.50 -23.70
N LEU A 89 3.15 -18.25 -24.07
CA LEU A 89 2.68 -16.88 -24.20
C LEU A 89 2.86 -16.12 -22.89
N LEU A 90 2.37 -16.69 -21.79
CA LEU A 90 2.48 -16.04 -20.49
C LEU A 90 3.93 -15.89 -20.08
N LYS A 91 4.75 -16.91 -20.32
CA LYS A 91 6.17 -16.84 -19.98
C LYS A 91 6.86 -15.72 -20.75
N ALA A 92 6.48 -15.51 -22.01
CA ALA A 92 7.11 -14.45 -22.79
C ALA A 92 6.65 -13.06 -22.33
N GLN A 93 5.36 -12.92 -22.02
CA GLN A 93 4.89 -11.69 -21.40
C GLN A 93 5.72 -11.37 -20.17
N LEU A 94 5.87 -12.38 -19.29
CA LEU A 94 6.63 -12.18 -18.07
C LEU A 94 8.09 -11.89 -18.35
N ALA A 95 8.65 -12.48 -19.40
CA ALA A 95 10.03 -12.22 -19.76
C ALA A 95 10.23 -10.77 -20.18
N ILE A 96 9.33 -10.25 -21.02
CA ILE A 96 9.36 -8.83 -21.33
C ILE A 96 9.29 -8.01 -20.06
N CYS A 97 8.39 -8.39 -19.15
CA CYS A 97 8.23 -7.62 -17.92
C CYS A 97 9.52 -7.60 -17.10
N LEU A 98 10.15 -8.76 -16.94
CA LEU A 98 11.35 -8.87 -16.13
C LEU A 98 12.51 -8.08 -16.73
N SER A 99 12.53 -7.93 -18.05
CA SER A 99 13.57 -7.15 -18.71
C SER A 99 13.45 -5.66 -18.43
N GLY A 100 12.33 -5.21 -17.86
CA GLY A 100 12.08 -3.81 -17.62
C GLY A 100 11.31 -3.09 -18.69
N ALA A 101 10.99 -3.75 -19.80
CA ALA A 101 10.26 -3.12 -20.87
C ALA A 101 8.76 -3.39 -20.73
N ALA A 102 7.97 -2.65 -21.49
CA ALA A 102 6.54 -2.85 -21.58
C ALA A 102 6.23 -3.68 -22.81
N TRP A 103 5.20 -4.52 -22.72
CA TRP A 103 4.84 -5.38 -23.83
C TRP A 103 3.58 -4.87 -24.52
N LEU A 104 3.55 -5.01 -25.85
CA LEU A 104 2.43 -4.68 -26.70
C LEU A 104 1.77 -6.00 -27.10
N PRO A 105 0.61 -6.34 -26.53
CA PRO A 105 0.02 -7.66 -26.77
C PRO A 105 -0.84 -7.71 -28.02
N PHE A 106 -0.71 -8.84 -28.73
CA PHE A 106 -1.45 -9.10 -29.97
C PHE A 106 -2.30 -10.36 -29.79
N ASP A 107 -3.59 -10.26 -30.14
CA ASP A 107 -4.45 -11.44 -30.12
C ASP A 107 -3.96 -12.47 -31.13
N MET A 108 -4.36 -13.74 -30.91
CA MET A 108 -3.93 -14.81 -31.81
C MET A 108 -4.24 -14.48 -33.27
N ASP A 109 -5.40 -13.89 -33.52
CA ASP A 109 -5.90 -13.67 -34.88
C ASP A 109 -5.53 -12.30 -35.44
N THR A 110 -4.41 -11.74 -35.03
CA THR A 110 -4.04 -10.43 -35.54
C THR A 110 -3.34 -10.58 -36.89
N PRO A 111 -3.80 -9.87 -37.92
CA PRO A 111 -3.12 -9.94 -39.22
C PRO A 111 -1.75 -9.26 -39.17
N ALA A 112 -0.82 -9.81 -39.95
CA ALA A 112 0.55 -9.35 -39.90
C ALA A 112 0.67 -7.86 -40.18
N ASP A 113 -0.16 -7.33 -41.08
CA ASP A 113 -0.09 -5.90 -41.39
C ASP A 113 -0.47 -5.05 -40.18
N ARG A 114 -1.45 -5.52 -39.39
CA ARG A 114 -1.81 -4.77 -38.19
C ARG A 114 -0.69 -4.82 -37.17
N ILE A 115 -0.03 -5.98 -37.04
CA ILE A 115 1.16 -6.08 -36.20
C ILE A 115 2.20 -5.05 -36.63
N ALA A 116 2.50 -5.00 -37.93
CA ALA A 116 3.47 -4.04 -38.44
C ALA A 116 3.05 -2.62 -38.09
N VAL A 117 1.78 -2.29 -38.29
CA VAL A 117 1.28 -0.94 -38.04
C VAL A 117 1.45 -0.58 -36.57
N CYS A 118 1.08 -1.51 -35.68
CA CYS A 118 1.17 -1.23 -34.24
C CYS A 118 2.61 -1.10 -33.78
N LEU A 119 3.50 -1.96 -34.27
CA LEU A 119 4.90 -1.87 -33.91
C LEU A 119 5.49 -0.55 -34.37
N GLU A 120 5.22 -0.17 -35.62
CA GLU A 120 5.66 1.13 -36.12
C GLU A 120 5.15 2.26 -35.24
N ASP A 121 3.85 2.25 -34.94
CA ASP A 121 3.25 3.33 -34.16
C ASP A 121 3.91 3.45 -32.80
N ALA A 122 4.11 2.32 -32.12
CA ALA A 122 4.71 2.36 -30.79
C ALA A 122 6.21 2.54 -30.82
N GLU A 123 6.84 2.49 -31.98
CA GLU A 123 8.30 2.57 -32.07
C GLU A 123 8.92 1.41 -31.30
N ALA A 124 8.30 0.23 -31.42
CA ALA A 124 8.76 -0.94 -30.70
C ALA A 124 10.17 -1.33 -31.16
N VAL A 125 10.99 -1.77 -30.20
CA VAL A 125 12.33 -2.27 -30.51
C VAL A 125 12.31 -3.72 -30.97
N GLY A 126 11.14 -4.35 -31.00
CA GLY A 126 11.04 -5.72 -31.45
C GLY A 126 9.78 -6.38 -30.92
N MET A 127 9.71 -7.69 -31.13
CA MET A 127 8.58 -8.48 -30.71
C MET A 127 9.03 -9.93 -30.55
N ILE A 128 8.26 -10.69 -29.78
CA ILE A 128 8.52 -12.11 -29.56
C ILE A 128 7.40 -12.93 -30.17
N THR A 129 7.77 -13.99 -30.88
CA THR A 129 6.80 -14.92 -31.45
C THR A 129 7.39 -16.32 -31.33
N THR A 130 6.83 -17.26 -32.09
CA THR A 130 7.32 -18.63 -32.16
C THR A 130 8.00 -18.85 -33.50
N ASP A 131 8.73 -19.97 -33.58
CA ASP A 131 9.31 -20.36 -34.87
C ASP A 131 8.22 -20.57 -35.91
N GLU A 132 7.16 -21.30 -35.55
CA GLU A 132 6.08 -21.55 -36.50
C GLU A 132 5.50 -20.24 -37.01
N TRP A 133 5.23 -19.30 -36.12
CA TRP A 133 4.62 -18.04 -36.54
C TRP A 133 5.63 -17.05 -37.10
N TYR A 134 6.93 -17.24 -36.84
CA TYR A 134 7.94 -16.32 -37.34
C TYR A 134 7.86 -16.17 -38.86
N GLU A 135 7.54 -17.25 -39.57
CA GLU A 135 7.47 -17.18 -41.02
C GLU A 135 6.38 -16.22 -41.50
N HIS A 136 5.31 -16.07 -40.73
CA HIS A 136 4.19 -15.24 -41.15
C HIS A 136 4.48 -13.74 -41.11
N LEU A 137 5.65 -13.33 -40.64
CA LEU A 137 5.93 -11.92 -40.36
C LEU A 137 6.94 -11.34 -41.35
N ALA A 138 6.85 -11.74 -42.62
CA ALA A 138 7.80 -11.27 -43.62
C ALA A 138 7.72 -9.75 -43.79
N GLU A 139 6.51 -9.20 -43.80
CA GLU A 139 6.35 -7.76 -44.03
C GLU A 139 6.55 -6.94 -42.77
N VAL A 140 6.99 -7.53 -41.66
CA VAL A 140 7.25 -6.80 -40.42
C VAL A 140 8.72 -6.40 -40.43
N PRO A 141 9.04 -5.11 -40.52
CA PRO A 141 10.46 -4.71 -40.52
C PRO A 141 11.13 -4.90 -39.18
N GLN A 142 10.40 -4.69 -38.08
CA GLN A 142 11.00 -4.72 -36.76
C GLN A 142 11.69 -6.05 -36.49
N THR A 143 12.61 -6.02 -35.53
CA THR A 143 13.29 -7.23 -35.10
C THR A 143 12.29 -8.22 -34.51
N LYS A 144 12.47 -9.49 -34.83
CA LYS A 144 11.57 -10.55 -34.36
C LYS A 144 12.42 -11.61 -33.67
N TRP A 145 12.17 -11.81 -32.38
CA TRP A 145 12.84 -12.86 -31.62
C TRP A 145 11.87 -13.98 -31.31
N THR A 146 12.39 -15.20 -31.29
CA THR A 146 11.62 -16.38 -30.94
C THR A 146 11.85 -16.72 -29.47
N ASN A 147 10.79 -17.16 -28.80
CA ASN A 147 10.93 -17.64 -27.42
C ASN A 147 12.04 -18.67 -27.34
N THR A 148 12.12 -19.55 -28.34
CA THR A 148 13.12 -20.60 -28.35
C THR A 148 14.54 -20.04 -28.23
N GLU A 149 14.88 -19.06 -29.08
CA GLU A 149 16.22 -18.51 -29.04
C GLU A 149 16.47 -17.73 -27.76
N LEU A 150 15.42 -17.13 -27.20
CA LEU A 150 15.53 -16.43 -25.93
C LEU A 150 15.60 -17.37 -24.73
N GLN A 151 15.36 -18.66 -24.94
CA GLN A 151 15.41 -19.64 -23.86
C GLN A 151 16.72 -20.43 -23.83
N LYS A 152 17.66 -20.10 -24.71
CA LYS A 152 18.91 -20.85 -24.76
C LYS A 152 19.77 -20.56 -23.53
N PRO A 153 20.57 -21.53 -23.10
CA PRO A 153 21.43 -21.31 -21.93
C PRO A 153 22.41 -20.17 -22.14
N LEU A 154 22.76 -19.52 -21.04
CA LEU A 154 23.67 -18.38 -21.02
C LEU A 154 24.98 -18.80 -20.38
N SER A 155 26.10 -18.32 -20.95
CA SER A 155 27.41 -18.61 -20.38
C SER A 155 27.73 -17.76 -19.16
N GLU A 156 26.99 -16.67 -18.95
CA GLU A 156 27.22 -15.79 -17.81
C GLU A 156 25.94 -15.02 -17.57
N SER A 157 25.68 -14.67 -16.32
CA SER A 157 24.46 -13.97 -15.99
C SER A 157 24.55 -12.50 -16.39
N VAL A 158 23.41 -11.93 -16.75
CA VAL A 158 23.29 -10.55 -17.19
C VAL A 158 22.46 -9.78 -16.16
N SER A 159 22.96 -8.64 -15.75
CA SER A 159 22.24 -7.79 -14.81
C SER A 159 21.13 -7.04 -15.55
N LEU A 160 19.94 -7.04 -14.98
CA LEU A 160 18.78 -6.42 -15.58
C LEU A 160 18.53 -5.06 -14.94
N ALA A 161 18.60 -3.99 -15.75
CA ALA A 161 18.26 -2.67 -15.26
C ALA A 161 16.80 -2.64 -14.81
N LYS A 162 16.57 -2.10 -13.63
CA LYS A 162 15.21 -2.03 -13.10
C LYS A 162 14.45 -0.87 -13.73
N THR A 163 13.14 -1.04 -13.85
CA THR A 163 12.27 0.01 -14.38
C THR A 163 11.61 0.77 -13.24
N THR A 164 10.99 1.90 -13.58
CA THR A 164 10.40 2.85 -12.65
C THR A 164 8.87 2.88 -12.78
N PRO A 165 8.16 3.24 -11.70
CA PRO A 165 6.69 3.27 -11.79
C PRO A 165 6.16 4.14 -12.92
N ASP A 166 6.87 5.20 -13.30
CA ASP A 166 6.39 6.07 -14.37
C ASP A 166 6.66 5.50 -15.75
N GLN A 167 7.37 4.38 -15.84
CA GLN A 167 7.63 3.76 -17.12
C GLN A 167 6.43 2.93 -17.56
N PRO A 168 6.26 2.74 -18.87
CA PRO A 168 5.13 1.93 -19.35
C PRO A 168 5.27 0.48 -18.92
N ALA A 169 4.14 -0.13 -18.60
CA ALA A 169 4.04 -1.56 -18.33
C ALA A 169 3.51 -2.34 -19.51
N TYR A 170 2.58 -1.76 -20.26
CA TYR A 170 2.05 -2.36 -21.48
C TYR A 170 1.29 -1.29 -22.24
N ILE A 171 1.10 -1.54 -23.53
CA ILE A 171 0.35 -0.65 -24.42
C ILE A 171 -0.73 -1.47 -25.11
N ILE A 172 -1.98 -1.04 -24.95
CA ILE A 172 -3.13 -1.73 -25.52
C ILE A 172 -3.60 -0.96 -26.75
N TYR A 173 -3.63 -1.65 -27.89
CA TYR A 173 -4.20 -1.08 -29.11
C TYR A 173 -5.64 -1.53 -29.32
N LYS A 180 -5.32 5.19 -37.44
CA LYS A 180 -6.41 4.29 -37.06
C LYS A 180 -6.17 3.69 -35.67
N PRO A 181 -5.00 3.09 -35.45
CA PRO A 181 -4.76 2.43 -34.17
C PRO A 181 -4.48 3.44 -33.07
N LYS A 182 -5.10 3.23 -31.92
CA LYS A 182 -4.89 4.05 -30.75
C LYS A 182 -4.11 3.24 -29.72
N GLY A 183 -2.91 3.70 -29.39
CA GLY A 183 -2.13 3.05 -28.37
C GLY A 183 -2.36 3.68 -27.02
N ILE A 184 -2.88 2.92 -26.08
CA ILE A 184 -3.12 3.41 -24.72
C ILE A 184 -1.94 2.99 -23.85
N VAL A 185 -1.33 3.96 -23.19
CA VAL A 185 -0.10 3.74 -22.44
C VAL A 185 -0.46 3.61 -20.98
N ILE A 186 -0.33 2.40 -20.44
CA ILE A 186 -0.52 2.11 -19.03
C ILE A 186 0.85 2.02 -18.36
N THR A 187 0.99 2.65 -17.19
CA THR A 187 2.27 2.66 -16.49
C THR A 187 2.33 1.56 -15.44
N GLN A 188 3.56 1.29 -14.97
CA GLN A 188 3.76 0.38 -13.86
C GLN A 188 2.93 0.81 -12.65
N LYS A 189 2.95 2.12 -12.36
CA LYS A 189 2.12 2.66 -11.29
C LYS A 189 0.65 2.34 -11.52
N ASN A 190 0.12 2.72 -12.70
CA ASN A 190 -1.26 2.43 -13.05
C ASN A 190 -1.65 1.00 -12.68
N ILE A 191 -0.90 0.04 -13.21
CA ILE A 191 -1.34 -1.34 -13.15
C ILE A 191 -1.12 -1.94 -11.77
N CYS A 192 0.00 -1.61 -11.11
CA CYS A 192 0.22 -2.13 -9.77
C CYS A 192 -0.85 -1.62 -8.81
N HIS A 193 -1.18 -0.32 -8.91
CA HIS A 193 -2.26 0.19 -8.07
C HIS A 193 -3.58 -0.49 -8.42
N PHE A 194 -3.89 -0.64 -9.71
CA PHE A 194 -5.16 -1.26 -10.06
C PHE A 194 -5.26 -2.65 -9.46
N LEU A 195 -4.18 -3.43 -9.58
CA LEU A 195 -4.19 -4.78 -9.03
C LEU A 195 -4.53 -4.75 -7.56
N ARG A 196 -3.78 -3.97 -6.77
CA ARG A 196 -4.04 -3.94 -5.33
C ARG A 196 -5.45 -3.44 -5.03
N SER A 197 -5.87 -2.38 -5.72
CA SER A 197 -7.18 -1.78 -5.48
C SER A 197 -8.31 -2.78 -5.72
N GLU A 198 -8.36 -3.38 -6.91
CA GLU A 198 -9.46 -4.29 -7.19
C GLU A 198 -9.39 -5.52 -6.30
N ASN A 199 -8.19 -6.05 -6.03
CA ASN A 199 -8.14 -7.29 -5.26
C ASN A 199 -8.47 -7.07 -3.79
N SER A 200 -8.38 -5.82 -3.31
CA SER A 200 -8.88 -5.57 -1.96
C SER A 200 -10.36 -5.88 -1.82
N ILE A 201 -11.10 -5.91 -2.92
CA ILE A 201 -12.54 -6.17 -2.91
C ILE A 201 -12.86 -7.55 -3.48
N LEU A 202 -12.33 -7.86 -4.66
CA LEU A 202 -12.49 -9.22 -5.18
C LEU A 202 -11.93 -10.25 -4.20
N GLY A 203 -10.68 -10.07 -3.79
CA GLY A 203 -10.08 -10.99 -2.84
C GLY A 203 -9.65 -12.31 -3.43
N ILE A 204 -9.04 -12.30 -4.61
CA ILE A 204 -8.44 -13.52 -5.14
C ILE A 204 -7.37 -14.01 -4.17
N GLN A 205 -7.44 -15.29 -3.83
CA GLN A 205 -6.53 -15.89 -2.87
C GLN A 205 -5.56 -16.85 -3.55
N GLU A 206 -4.48 -17.16 -2.83
CA GLU A 206 -3.48 -18.09 -3.35
C GLU A 206 -4.03 -19.49 -3.52
N GLN A 207 -5.04 -19.87 -2.74
CA GLN A 207 -5.63 -21.20 -2.87
C GLN A 207 -6.44 -21.34 -4.16
N ASP A 208 -6.83 -20.22 -4.76
CA ASP A 208 -7.72 -20.25 -5.90
C ASP A 208 -7.07 -20.88 -7.12
N LYS A 209 -7.90 -21.49 -7.95
CA LYS A 209 -7.54 -21.99 -9.27
C LYS A 209 -8.30 -21.14 -10.28
N VAL A 210 -7.57 -20.40 -11.10
CA VAL A 210 -8.15 -19.31 -11.90
C VAL A 210 -8.16 -19.74 -13.36
N TYR A 211 -9.33 -19.61 -13.99
CA TYR A 211 -9.45 -19.84 -15.41
C TYR A 211 -8.76 -18.73 -16.19
N GLN A 212 -7.94 -19.10 -17.16
CA GLN A 212 -7.23 -18.14 -18.01
C GLN A 212 -7.73 -18.35 -19.45
N GLY A 213 -8.82 -17.66 -19.80
CA GLY A 213 -9.40 -17.86 -21.11
C GLY A 213 -9.34 -16.67 -22.04
N PHE A 214 -8.92 -15.51 -21.52
CA PHE A 214 -8.92 -14.28 -22.30
C PHE A 214 -7.65 -14.14 -23.12
N SER A 215 -7.78 -13.52 -24.28
CA SER A 215 -6.60 -13.17 -25.07
C SER A 215 -5.84 -12.06 -24.36
N VAL A 216 -4.51 -12.12 -24.44
CA VAL A 216 -3.67 -11.13 -23.76
C VAL A 216 -3.87 -9.73 -24.33
N ALA A 217 -4.65 -9.59 -25.40
CA ALA A 217 -4.93 -8.27 -25.96
C ALA A 217 -6.11 -7.58 -25.28
N PHE A 218 -6.80 -8.26 -24.38
CA PHE A 218 -7.96 -7.71 -23.69
C PHE A 218 -7.62 -7.43 -22.23
N ASP A 219 -8.28 -6.40 -21.69
CA ASP A 219 -8.01 -5.96 -20.32
C ASP A 219 -8.24 -7.08 -19.32
N MET A 220 -9.32 -7.85 -19.48
CA MET A 220 -9.67 -8.84 -18.47
C MET A 220 -8.63 -9.94 -18.36
N SER A 221 -7.74 -10.08 -19.36
CA SER A 221 -6.61 -10.97 -19.19
C SER A 221 -5.76 -10.58 -17.99
N PHE A 222 -5.69 -9.28 -17.68
CA PHE A 222 -4.96 -8.85 -16.49
C PHE A 222 -5.65 -9.33 -15.22
N GLU A 223 -6.97 -9.15 -15.13
CA GLU A 223 -7.69 -9.66 -13.98
C GLU A 223 -7.48 -11.17 -13.83
N GLU A 224 -7.39 -11.89 -14.94
CA GLU A 224 -7.14 -13.33 -14.85
C GLU A 224 -5.73 -13.61 -14.35
N ILE A 225 -4.72 -13.04 -15.01
CA ILE A 225 -3.34 -13.47 -14.83
C ILE A 225 -2.71 -12.78 -13.62
N TRP A 226 -2.78 -11.46 -13.57
CA TRP A 226 -1.91 -10.70 -12.69
C TRP A 226 -2.45 -10.60 -11.27
N LEU A 227 -3.77 -10.61 -11.08
CA LEU A 227 -4.30 -10.83 -9.73
C LEU A 227 -3.77 -12.15 -9.16
N SER A 228 -3.85 -13.21 -9.97
CA SER A 228 -3.33 -14.51 -9.58
C SER A 228 -1.85 -14.42 -9.22
N TYR A 229 -1.06 -13.78 -10.08
CA TYR A 229 0.35 -13.54 -9.74
C TYR A 229 0.48 -12.80 -8.42
N LEU A 230 -0.37 -11.80 -8.20
CA LEU A 230 -0.29 -10.99 -7.00
C LEU A 230 -0.41 -11.83 -5.74
N VAL A 231 -1.34 -12.78 -5.72
CA VAL A 231 -1.53 -13.59 -4.52
C VAL A 231 -1.02 -15.01 -4.68
N GLY A 232 -0.49 -15.37 -5.85
CA GLY A 232 0.04 -16.71 -6.04
C GLY A 232 -0.97 -17.78 -6.39
N ALA A 233 -2.13 -17.39 -6.91
CA ALA A 233 -3.11 -18.37 -7.35
C ALA A 233 -2.56 -19.18 -8.53
N THR A 234 -3.30 -20.22 -8.90
CA THR A 234 -2.91 -21.11 -9.99
C THR A 234 -3.76 -20.83 -11.21
N LEU A 235 -3.13 -20.81 -12.39
CA LEU A 235 -3.78 -20.50 -13.64
C LEU A 235 -3.94 -21.74 -14.50
N TRP A 236 -5.17 -22.01 -14.92
CA TRP A 236 -5.46 -23.06 -15.89
C TRP A 236 -5.72 -22.37 -17.23
N ILE A 237 -4.79 -22.55 -18.17
CA ILE A 237 -4.81 -21.79 -19.42
C ILE A 237 -5.68 -22.53 -20.42
N ALA A 238 -6.72 -21.85 -20.92
CA ALA A 238 -7.68 -22.47 -21.82
C ALA A 238 -7.12 -22.57 -23.23
N PRO A 239 -7.31 -23.70 -23.90
CA PRO A 239 -6.93 -23.79 -25.32
C PRO A 239 -7.90 -23.01 -26.19
N LYS A 240 -7.45 -22.74 -27.42
CA LYS A 240 -8.29 -22.00 -28.36
C LYS A 240 -9.58 -22.75 -28.64
N SER A 241 -9.51 -24.08 -28.75
CA SER A 241 -10.71 -24.87 -29.01
C SER A 241 -11.77 -24.65 -27.94
N LEU A 242 -11.35 -24.56 -26.68
CA LEU A 242 -12.32 -24.49 -25.58
C LEU A 242 -13.00 -23.12 -25.51
N VAL A 243 -12.32 -22.07 -25.98
CA VAL A 243 -12.79 -20.71 -25.77
C VAL A 243 -14.13 -20.44 -26.46
N SER A 244 -14.47 -21.21 -27.50
CA SER A 244 -15.69 -20.99 -28.27
C SER A 244 -16.77 -22.03 -27.99
N ASP A 245 -16.60 -22.85 -26.95
CA ASP A 245 -17.51 -23.95 -26.64
C ASP A 245 -18.07 -23.77 -25.23
N PRO A 246 -19.09 -22.93 -25.06
CA PRO A 246 -19.59 -22.66 -23.70
C PRO A 246 -20.00 -23.90 -22.91
N GLU A 247 -20.61 -24.91 -23.54
CA GLU A 247 -21.00 -26.09 -22.77
C GLU A 247 -19.79 -26.96 -22.40
N ARG A 248 -18.86 -27.13 -23.35
CA ARG A 248 -17.62 -27.82 -23.02
C ARG A 248 -16.85 -27.08 -21.93
N LEU A 249 -16.88 -25.74 -21.96
CA LEU A 249 -16.21 -24.96 -20.91
C LEU A 249 -16.93 -25.10 -19.58
N CYS A 250 -18.26 -25.07 -19.60
CA CYS A 250 -19.03 -25.24 -18.38
C CYS A 250 -18.71 -26.57 -17.71
N GLN A 251 -18.49 -27.61 -18.52
CA GLN A 251 -18.08 -28.88 -17.96
C GLN A 251 -16.61 -28.87 -17.51
N THR A 252 -15.74 -28.20 -18.27
CA THR A 252 -14.32 -28.18 -17.92
C THR A 252 -14.09 -27.47 -16.58
N LEU A 253 -14.85 -26.41 -16.33
CA LEU A 253 -14.70 -25.68 -15.08
C LEU A 253 -15.05 -26.56 -13.88
N LYS A 254 -16.10 -27.37 -14.00
CA LYS A 254 -16.44 -28.32 -12.95
C LYS A 254 -15.38 -29.42 -12.85
N GLN A 255 -14.91 -29.93 -13.98
CA GLN A 255 -13.98 -31.05 -13.96
C GLN A 255 -12.66 -30.65 -13.30
N GLU A 256 -12.12 -29.49 -13.67
CA GLU A 256 -10.89 -28.99 -13.09
C GLU A 256 -11.10 -28.28 -11.77
N GLN A 257 -12.35 -28.09 -11.34
CA GLN A 257 -12.66 -27.44 -10.08
C GLN A 257 -11.99 -26.07 -10.00
N ILE A 258 -12.31 -25.25 -11.01
CA ILE A 258 -11.86 -23.87 -11.02
C ILE A 258 -12.67 -23.09 -10.00
N THR A 259 -12.01 -22.20 -9.26
CA THR A 259 -12.69 -21.42 -8.23
C THR A 259 -12.90 -19.97 -8.60
N VAL A 260 -12.23 -19.47 -9.65
CA VAL A 260 -12.31 -18.08 -10.04
C VAL A 260 -12.51 -18.01 -11.55
N LEU A 261 -13.57 -17.34 -11.99
CA LEU A 261 -13.86 -17.18 -13.40
C LEU A 261 -14.09 -15.72 -13.71
N HIS A 262 -13.28 -15.18 -14.62
CA HIS A 262 -13.49 -13.87 -15.20
C HIS A 262 -14.10 -14.06 -16.59
N ALA A 263 -15.21 -13.38 -16.86
CA ALA A 263 -15.88 -13.58 -18.13
C ALA A 263 -16.82 -12.42 -18.41
N VAL A 264 -17.47 -12.48 -19.57
CA VAL A 264 -18.46 -11.49 -19.97
C VAL A 264 -19.83 -12.11 -19.77
N PRO A 265 -20.88 -11.31 -19.55
CA PRO A 265 -22.21 -11.89 -19.29
C PRO A 265 -22.69 -12.89 -20.33
N THR A 266 -22.43 -12.68 -21.63
CA THR A 266 -23.00 -13.58 -22.62
C THR A 266 -22.47 -15.01 -22.47
N LEU A 267 -21.15 -15.14 -22.25
CA LEU A 267 -20.58 -16.46 -22.06
C LEU A 267 -21.23 -17.17 -20.88
N LEU A 268 -21.31 -16.49 -19.73
CA LEU A 268 -21.98 -17.09 -18.59
C LEU A 268 -23.42 -17.48 -18.93
N ALA A 269 -24.13 -16.59 -19.62
CA ALA A 269 -25.51 -16.87 -19.99
C ALA A 269 -25.63 -18.09 -20.89
N LEU A 270 -24.57 -18.45 -21.59
CA LEU A 270 -24.57 -19.64 -22.45
C LEU A 270 -24.13 -20.90 -21.72
N PHE A 271 -24.07 -20.87 -20.38
CA PHE A 271 -23.68 -22.05 -19.60
C PHE A 271 -24.90 -22.90 -19.30
N PRO A 272 -24.91 -24.18 -19.67
CA PRO A 272 -26.13 -24.99 -19.48
C PRO A 272 -26.50 -25.21 -18.02
N GLU A 273 -25.55 -25.61 -17.18
CA GLU A 273 -25.77 -25.88 -15.76
C GLU A 273 -25.00 -24.89 -14.90
N ASP A 274 -25.16 -25.03 -13.59
CA ASP A 274 -24.36 -24.27 -12.65
C ASP A 274 -23.00 -24.92 -12.46
N VAL A 275 -22.02 -24.09 -12.10
CA VAL A 275 -20.70 -24.59 -11.69
C VAL A 275 -20.55 -24.21 -10.22
N PRO A 276 -20.95 -25.09 -9.30
CA PRO A 276 -21.04 -24.67 -7.89
C PRO A 276 -19.70 -24.35 -7.26
N ASN A 277 -18.60 -24.93 -7.76
CA ASN A 277 -17.28 -24.73 -7.17
C ASN A 277 -16.63 -23.42 -7.59
N LEU A 278 -17.40 -22.48 -8.13
CA LEU A 278 -16.86 -21.18 -8.53
C LEU A 278 -16.97 -20.22 -7.35
N ARG A 279 -15.83 -19.94 -6.71
CA ARG A 279 -15.76 -18.96 -5.64
C ARG A 279 -16.22 -17.59 -6.10
N ILE A 280 -15.46 -17.00 -7.03
CA ILE A 280 -15.70 -15.64 -7.52
C ILE A 280 -16.09 -15.72 -8.98
N ILE A 281 -17.10 -14.93 -9.35
CA ILE A 281 -17.50 -14.76 -10.74
C ILE A 281 -17.47 -13.27 -11.03
N ASN A 282 -16.48 -12.85 -11.80
CA ASN A 282 -16.28 -11.45 -12.15
C ASN A 282 -16.73 -11.24 -13.59
N LEU A 283 -17.84 -10.52 -13.76
CA LEU A 283 -18.40 -10.26 -15.07
C LEU A 283 -18.00 -8.86 -15.54
N GLY A 284 -17.12 -8.80 -16.53
CA GLY A 284 -16.75 -7.56 -17.16
C GLY A 284 -17.44 -7.38 -18.50
N GLY A 285 -16.92 -6.46 -19.29
CA GLY A 285 -17.44 -6.25 -20.64
C GLY A 285 -18.77 -5.53 -20.80
N GLU A 286 -19.81 -5.95 -20.09
CA GLU A 286 -21.13 -5.36 -20.22
C GLU A 286 -21.87 -5.47 -18.90
N MET A 287 -22.85 -4.58 -18.73
CA MET A 287 -23.67 -4.63 -17.53
C MET A 287 -24.50 -5.91 -17.53
N CYS A 288 -24.52 -6.60 -16.40
CA CYS A 288 -25.16 -7.90 -16.33
C CYS A 288 -26.69 -7.76 -16.40
N PRO A 289 -27.37 -8.53 -17.24
CA PRO A 289 -28.83 -8.49 -17.24
C PRO A 289 -29.43 -9.16 -16.01
N ASP A 290 -30.61 -8.70 -15.62
CA ASP A 290 -31.25 -9.18 -14.39
C ASP A 290 -31.49 -10.68 -14.43
N SER A 291 -31.86 -11.22 -15.59
CA SER A 291 -32.12 -12.66 -15.68
C SER A 291 -30.88 -13.47 -15.36
N LEU A 292 -29.72 -13.03 -15.85
CA LEU A 292 -28.48 -13.73 -15.54
C LEU A 292 -28.13 -13.62 -14.06
N VAL A 293 -28.43 -12.48 -13.45
CA VAL A 293 -28.24 -12.35 -12.00
C VAL A 293 -29.10 -13.37 -11.27
N ASP A 294 -30.41 -13.34 -11.51
CA ASP A 294 -31.31 -14.29 -10.85
C ASP A 294 -30.90 -15.73 -11.10
N ARG A 295 -30.20 -16.00 -12.20
CA ARG A 295 -29.76 -17.36 -12.45
C ARG A 295 -28.48 -17.70 -11.70
N TRP A 296 -27.58 -16.73 -11.53
CA TRP A 296 -26.24 -17.03 -11.04
C TRP A 296 -25.87 -16.37 -9.72
N ALA A 297 -26.60 -15.35 -9.26
CA ALA A 297 -26.30 -14.74 -7.98
C ALA A 297 -26.71 -15.65 -6.83
N LEU A 298 -26.15 -16.83 -6.78
CA LEU A 298 -26.52 -17.85 -5.81
C LEU A 298 -25.73 -17.69 -4.52
N PRO A 299 -26.16 -18.36 -3.45
CA PRO A 299 -25.47 -18.21 -2.16
C PRO A 299 -24.00 -18.62 -2.20
N HIS A 300 -23.68 -19.71 -2.89
CA HIS A 300 -22.31 -20.18 -3.00
C HIS A 300 -21.53 -19.47 -4.09
N HIS A 301 -22.01 -18.33 -4.57
CA HIS A 301 -21.36 -17.56 -5.61
C HIS A 301 -21.25 -16.11 -5.16
N GLN A 302 -20.06 -15.53 -5.32
CA GLN A 302 -19.87 -14.09 -5.20
C GLN A 302 -19.80 -13.52 -6.61
N MET A 303 -20.90 -12.95 -7.07
CA MET A 303 -21.03 -12.51 -8.45
C MET A 303 -20.76 -11.00 -8.52
N PHE A 304 -19.79 -10.62 -9.34
CA PHE A 304 -19.38 -9.24 -9.48
C PHE A 304 -19.56 -8.76 -10.92
N ASN A 305 -19.74 -7.46 -11.05
CA ASN A 305 -19.83 -6.78 -12.34
C ASN A 305 -18.84 -5.63 -12.30
N THR A 306 -17.78 -5.72 -13.09
CA THR A 306 -16.73 -4.71 -13.11
C THR A 306 -16.85 -3.89 -14.39
N TYR A 307 -16.76 -2.57 -14.23
CA TYR A 307 -16.85 -1.64 -15.34
C TYR A 307 -15.62 -0.76 -15.35
N GLY A 308 -15.21 -0.32 -16.54
CA GLY A 308 -14.16 0.64 -16.67
C GLY A 308 -13.52 0.66 -18.03
N PRO A 309 -13.14 1.84 -18.50
CA PRO A 309 -12.45 1.96 -19.79
C PRO A 309 -11.00 1.53 -19.69
N THR A 310 -10.47 1.07 -20.82
CA THR A 310 -9.06 0.71 -20.88
C THR A 310 -8.17 1.87 -20.48
N GLU A 311 -8.62 3.10 -20.70
CA GLU A 311 -7.82 4.29 -20.39
C GLU A 311 -7.64 4.54 -18.89
N THR A 312 -8.25 3.74 -18.02
CA THR A 312 -8.05 3.87 -16.58
C THR A 312 -7.70 2.53 -15.94
N THR A 313 -7.06 1.65 -16.72
CA THR A 313 -6.46 0.41 -16.25
C THR A 313 -7.49 -0.64 -15.87
N VAL A 314 -7.92 -1.43 -16.86
CA VAL A 314 -8.71 -2.63 -16.66
C VAL A 314 -10.12 -2.29 -16.16
N SER A 315 -10.24 -1.88 -14.90
CA SER A 315 -11.53 -1.57 -14.31
C SER A 315 -11.47 -0.24 -13.58
N ALA A 316 -12.65 0.32 -13.31
CA ALA A 316 -12.75 1.57 -12.56
C ALA A 316 -13.76 1.45 -11.43
N SER A 317 -14.81 0.64 -11.63
CA SER A 317 -15.81 0.41 -10.60
C SER A 317 -16.18 -1.07 -10.58
N LEU A 318 -16.78 -1.47 -9.47
CA LEU A 318 -17.11 -2.86 -9.21
C LEU A 318 -18.42 -2.90 -8.43
N GLU A 319 -19.28 -3.86 -8.75
CA GLU A 319 -20.60 -3.98 -8.13
C GLU A 319 -20.84 -5.42 -7.74
N LEU A 320 -21.28 -5.64 -6.51
CA LEU A 320 -21.65 -6.97 -6.04
C LEU A 320 -23.09 -7.25 -6.41
N LEU A 321 -23.31 -8.31 -7.18
CA LEU A 321 -24.62 -8.64 -7.72
C LEU A 321 -25.41 -9.50 -6.74
N GLU A 322 -26.72 -9.26 -6.67
CA GLU A 322 -27.60 -10.01 -5.79
C GLU A 322 -28.97 -10.13 -6.43
N ARG A 323 -29.57 -11.31 -6.36
CA ARG A 323 -30.94 -11.48 -6.84
C ARG A 323 -31.85 -10.42 -6.25
N GLY A 324 -32.58 -9.72 -7.12
CA GLY A 324 -33.50 -8.68 -6.71
C GLY A 324 -32.89 -7.31 -6.50
N LYS A 325 -31.58 -7.22 -6.35
CA LYS A 325 -30.93 -5.91 -6.27
C LYS A 325 -30.67 -5.38 -7.68
N PRO A 326 -31.23 -4.24 -8.05
CA PRO A 326 -31.02 -3.72 -9.42
C PRO A 326 -29.54 -3.55 -9.74
N VAL A 327 -29.18 -3.87 -10.98
CA VAL A 327 -27.78 -3.86 -11.41
C VAL A 327 -27.35 -2.44 -11.73
N THR A 328 -26.24 -2.02 -11.13
CA THR A 328 -25.61 -0.73 -11.38
C THR A 328 -24.13 -0.96 -11.63
N ILE A 329 -23.43 0.10 -12.06
CA ILE A 329 -21.98 -0.02 -12.28
C ILE A 329 -21.21 -0.03 -10.97
N GLY A 330 -21.89 0.09 -9.83
CA GLY A 330 -21.26 0.01 -8.54
C GLY A 330 -20.54 1.30 -8.18
N LYS A 331 -19.75 1.20 -7.09
CA LYS A 331 -18.95 2.32 -6.60
C LYS A 331 -17.53 2.22 -7.13
N PRO A 332 -16.83 3.34 -7.27
CA PRO A 332 -15.47 3.31 -7.79
C PRO A 332 -14.58 2.38 -6.97
N LEU A 333 -13.54 1.88 -7.62
CA LEU A 333 -12.55 1.07 -6.93
C LEU A 333 -11.77 1.93 -5.95
N PRO A 334 -11.19 1.33 -4.92
CA PRO A 334 -10.42 2.11 -3.95
C PRO A 334 -9.43 3.03 -4.64
N ASN A 335 -9.49 4.32 -4.28
CA ASN A 335 -8.63 5.37 -4.81
C ASN A 335 -9.05 5.81 -6.22
N TYR A 336 -10.12 5.26 -6.77
CA TYR A 336 -10.69 5.76 -8.01
C TYR A 336 -11.77 6.80 -7.69
N GLY A 337 -12.00 7.69 -8.65
CA GLY A 337 -13.03 8.70 -8.48
C GLY A 337 -13.76 8.96 -9.77
N MET A 338 -15.01 9.35 -9.65
CA MET A 338 -15.88 9.64 -10.79
C MET A 338 -16.64 10.94 -10.54
N LEU A 339 -16.70 11.77 -11.57
CA LEU A 339 -17.48 13.00 -11.52
C LEU A 339 -18.12 13.22 -12.89
N VAL A 340 -19.06 14.16 -12.95
CA VAL A 340 -19.83 14.42 -14.17
C VAL A 340 -19.63 15.87 -14.57
N ILE A 341 -19.22 16.10 -15.82
CA ILE A 341 -19.00 17.45 -16.32
C ILE A 341 -19.92 17.68 -17.52
N ASN A 342 -19.92 18.93 -17.99
CA ASN A 342 -20.74 19.31 -19.13
C ASN A 342 -19.83 19.74 -20.29
N SER A 343 -20.46 20.22 -21.36
CA SER A 343 -19.73 20.60 -22.57
C SER A 343 -18.60 21.58 -22.26
N GLU A 344 -18.76 22.45 -21.27
CA GLU A 344 -17.74 23.45 -20.98
C GLU A 344 -16.67 22.94 -20.04
N ARG A 345 -16.59 21.62 -19.84
CA ARG A 345 -15.58 21.02 -18.97
C ARG A 345 -15.65 21.65 -17.58
N GLU A 346 -16.84 21.63 -16.98
CA GLU A 346 -17.04 22.15 -15.64
C GLU A 346 -17.98 21.23 -14.86
N LEU A 347 -17.69 21.07 -13.57
CA LEU A 347 -18.39 20.09 -12.76
C LEU A 347 -19.85 20.46 -12.57
N LEU A 348 -20.73 19.49 -12.76
CA LEU A 348 -22.17 19.65 -12.59
C LEU A 348 -22.58 19.24 -11.19
N GLU A 349 -23.62 19.90 -10.67
CA GLU A 349 -24.23 19.44 -9.43
C GLU A 349 -25.00 18.14 -9.68
N GLN A 350 -25.18 17.37 -8.61
CA GLN A 350 -25.79 16.05 -8.72
C GLN A 350 -27.10 16.14 -9.49
N GLY A 351 -27.41 15.06 -10.19
CA GLY A 351 -28.67 14.94 -10.92
C GLY A 351 -28.62 15.37 -12.37
N GLU A 352 -28.03 16.53 -12.64
CA GLU A 352 -27.93 16.99 -14.02
C GLU A 352 -26.87 16.17 -14.76
N THR A 353 -27.29 15.49 -15.82
CA THR A 353 -26.45 14.48 -16.45
C THR A 353 -25.41 15.14 -17.35
N GLY A 354 -24.37 14.38 -17.65
CA GLY A 354 -23.29 14.88 -18.48
C GLY A 354 -22.30 13.78 -18.79
N GLU A 355 -21.08 14.19 -19.11
CA GLU A 355 -20.01 13.25 -19.41
C GLU A 355 -19.39 12.71 -18.13
N LEU A 356 -19.34 11.39 -18.03
CA LEU A 356 -18.67 10.72 -16.93
C LEU A 356 -17.16 10.83 -17.08
N CYS A 357 -16.48 11.27 -16.02
CA CYS A 357 -15.04 11.37 -15.99
C CYS A 357 -14.49 10.59 -14.81
N ILE A 358 -13.30 10.03 -15.01
CA ILE A 358 -12.63 9.19 -14.02
C ILE A 358 -11.29 9.82 -13.65
N PHE A 359 -10.93 9.74 -12.37
CA PHE A 359 -9.66 10.24 -11.89
C PHE A 359 -9.07 9.26 -10.90
N GLY A 360 -7.79 9.43 -10.60
CA GLY A 360 -7.09 8.59 -9.66
C GLY A 360 -5.73 8.14 -10.18
N PRO A 361 -5.02 7.35 -9.38
CA PRO A 361 -3.66 6.94 -9.77
C PRO A 361 -3.61 5.98 -10.95
N SER A 362 -4.72 5.37 -11.33
CA SER A 362 -4.72 4.41 -12.43
C SER A 362 -5.19 5.02 -13.75
N VAL A 363 -5.31 6.35 -13.82
CA VAL A 363 -5.59 6.99 -15.10
C VAL A 363 -4.38 6.83 -16.00
N ALA A 364 -4.62 6.34 -17.21
CA ALA A 364 -3.52 6.03 -18.13
C ALA A 364 -2.69 7.29 -18.42
N GLN A 365 -1.47 7.05 -18.91
CA GLN A 365 -0.63 8.17 -19.35
C GLN A 365 -1.27 8.94 -20.49
N GLY A 366 -2.01 8.25 -21.36
CA GLY A 366 -2.61 8.87 -22.52
C GLY A 366 -2.46 7.98 -23.73
N TYR A 367 -2.70 8.57 -24.91
CA TYR A 367 -2.59 7.84 -26.15
C TYR A 367 -1.20 8.05 -26.74
N LEU A 368 -0.59 6.95 -27.19
CA LEU A 368 0.81 6.99 -27.61
C LEU A 368 0.97 7.81 -28.89
N GLY A 369 1.89 8.76 -28.85
CA GLY A 369 2.25 9.53 -30.03
C GLY A 369 1.10 10.30 -30.63
N ARG A 370 0.13 10.70 -29.81
CA ARG A 370 -1.04 11.43 -30.27
C ARG A 370 -1.40 12.49 -29.22
N PRO A 371 -0.53 13.47 -29.02
CA PRO A 371 -0.77 14.47 -27.97
C PRO A 371 -2.05 15.25 -28.18
N ASP A 372 -2.43 15.48 -29.43
CA ASP A 372 -3.73 16.05 -29.76
C ASP A 372 -4.87 15.39 -28.99
N LEU A 373 -5.13 14.13 -29.31
CA LEU A 373 -6.26 13.43 -28.71
C LEU A 373 -6.06 13.24 -27.21
N THR A 374 -4.83 12.93 -26.78
CA THR A 374 -4.56 12.77 -25.36
C THR A 374 -4.96 14.03 -24.59
N ALA A 375 -4.40 15.18 -24.97
CA ALA A 375 -4.74 16.43 -24.32
C ALA A 375 -6.23 16.72 -24.45
N ASP A 376 -6.87 16.17 -25.48
CA ASP A 376 -8.32 16.40 -25.62
C ASP A 376 -9.11 15.58 -24.59
N LYS A 377 -8.68 14.35 -24.31
CA LYS A 377 -9.44 13.45 -23.46
C LYS A 377 -8.88 13.28 -22.06
N PHE A 378 -7.60 13.58 -21.83
CA PHE A 378 -7.01 13.58 -20.49
C PHE A 378 -6.76 15.03 -20.09
N ILE A 379 -7.54 15.53 -19.12
CA ILE A 379 -7.57 16.95 -18.82
C ILE A 379 -7.25 17.20 -17.35
N GLU A 380 -6.86 18.44 -17.06
CA GLU A 380 -6.57 18.84 -15.70
C GLU A 380 -7.83 18.78 -14.84
N ASN A 381 -7.71 18.16 -13.66
CA ASN A 381 -8.83 18.08 -12.73
C ASN A 381 -8.82 19.25 -11.76
N PRO A 382 -9.68 20.26 -11.96
CA PRO A 382 -9.68 21.42 -11.06
C PRO A 382 -10.15 21.10 -9.65
N TRP A 383 -10.67 19.89 -9.40
CA TRP A 383 -11.23 19.54 -8.11
C TRP A 383 -10.48 18.39 -7.44
N ALA A 384 -9.22 18.18 -7.80
CA ALA A 384 -8.44 17.10 -7.20
C ALA A 384 -8.15 17.43 -5.74
N MET A 385 -8.40 16.46 -4.86
CA MET A 385 -8.06 16.58 -3.45
C MET A 385 -6.72 15.91 -3.11
N SER A 386 -5.86 15.69 -4.11
CA SER A 386 -4.53 15.16 -3.90
C SER A 386 -3.84 15.10 -5.26
N VAL A 387 -2.55 14.77 -5.24
CA VAL A 387 -1.75 14.76 -6.45
C VAL A 387 -2.04 13.56 -7.35
N GLU A 388 -2.75 12.55 -6.85
CA GLU A 388 -3.14 11.41 -7.65
C GLU A 388 -4.49 11.59 -8.33
N GLU A 389 -5.12 12.75 -8.17
CA GLU A 389 -6.45 13.02 -8.73
C GLU A 389 -6.41 14.18 -9.72
N GLU A 390 -5.23 14.56 -10.20
CA GLU A 390 -5.08 15.78 -10.97
C GLU A 390 -5.43 15.61 -12.45
N LEU A 391 -5.81 14.40 -12.87
CA LEU A 391 -6.00 14.08 -14.27
C LEU A 391 -7.31 13.33 -14.46
N LEU A 392 -8.24 13.93 -15.21
CA LEU A 392 -9.53 13.31 -15.52
C LEU A 392 -9.49 12.74 -16.94
N TYR A 393 -9.84 11.46 -17.05
CA TYR A 393 -10.16 10.86 -18.34
C TYR A 393 -11.66 11.01 -18.59
N ARG A 394 -11.99 11.65 -19.70
CA ARG A 394 -13.38 11.80 -20.13
C ARG A 394 -13.78 10.55 -20.90
N THR A 395 -14.71 9.76 -20.35
CA THR A 395 -15.05 8.48 -20.94
C THR A 395 -15.74 8.62 -22.29
N GLY A 396 -16.35 9.77 -22.56
CA GLY A 396 -17.29 9.88 -23.65
C GLY A 396 -18.67 9.33 -23.34
N ASP A 397 -18.85 8.71 -22.19
CA ASP A 397 -20.16 8.24 -21.77
C ASP A 397 -20.93 9.37 -21.11
N LEU A 398 -22.25 9.26 -21.16
CA LEU A 398 -23.16 10.15 -20.45
C LEU A 398 -23.64 9.44 -19.20
N ALA A 399 -23.76 10.18 -18.11
CA ALA A 399 -24.09 9.57 -16.83
C ALA A 399 -24.72 10.61 -15.93
N LYS A 400 -25.23 10.13 -14.80
CA LYS A 400 -25.72 11.02 -13.76
C LYS A 400 -25.57 10.33 -12.41
N ILE A 401 -25.40 11.13 -11.36
CA ILE A 401 -25.35 10.62 -10.01
C ILE A 401 -26.74 10.73 -9.40
N ASP A 402 -27.27 9.62 -8.91
CA ASP A 402 -28.61 9.61 -8.37
C ASP A 402 -28.61 10.03 -6.90
N GLU A 403 -29.80 10.06 -6.30
CA GLU A 403 -29.94 10.50 -4.92
C GLU A 403 -29.29 9.55 -3.92
N PHE A 404 -28.76 8.42 -4.39
CA PHE A 404 -28.07 7.47 -3.54
C PHE A 404 -26.56 7.53 -3.71
N GLY A 405 -26.05 8.58 -4.36
CA GLY A 405 -24.63 8.63 -4.64
C GLY A 405 -24.16 7.62 -5.65
N GLN A 406 -25.07 6.96 -6.36
CA GLN A 406 -24.72 5.95 -7.34
C GLN A 406 -24.65 6.57 -8.74
N VAL A 407 -23.68 6.11 -9.52
CA VAL A 407 -23.50 6.57 -10.90
C VAL A 407 -24.33 5.70 -11.82
N HIS A 408 -25.00 6.32 -12.78
CA HIS A 408 -25.80 5.63 -13.77
C HIS A 408 -25.36 6.05 -15.17
N CYS A 409 -25.02 5.05 -15.99
CA CYS A 409 -24.68 5.28 -17.39
C CYS A 409 -25.95 5.47 -18.21
N LEU A 410 -25.84 6.30 -19.24
CA LEU A 410 -26.99 6.68 -20.06
C LEU A 410 -26.62 6.71 -21.53
N GLY A 411 -25.81 5.76 -21.98
CA GLY A 411 -25.42 5.69 -23.36
C GLY A 411 -24.26 6.62 -23.69
N ARG A 412 -24.01 6.75 -24.99
CA ARG A 412 -22.87 7.50 -25.51
C ARG A 412 -23.27 8.93 -25.85
N ALA A 413 -22.26 9.79 -25.93
CA ALA A 413 -22.44 11.19 -26.31
C ALA A 413 -22.55 11.31 -27.83
N THR B 10 28.28 26.34 13.73
CA THR B 10 27.64 27.57 14.18
C THR B 10 26.25 27.75 13.56
N LYS B 11 26.19 28.37 12.37
CA LYS B 11 24.94 28.55 11.67
C LYS B 11 24.64 27.43 10.70
N ASN B 12 25.45 26.38 10.69
CA ASN B 12 25.23 25.22 9.84
C ASN B 12 24.79 24.00 10.64
N VAL B 13 24.47 24.18 11.93
CA VAL B 13 23.94 23.14 12.79
C VAL B 13 22.75 23.74 13.54
N ILE B 14 21.56 23.16 13.37
CA ILE B 14 20.34 23.72 13.92
C ILE B 14 19.76 22.75 14.94
N ARG B 15 19.52 23.23 16.15
CA ARG B 15 19.03 22.41 17.25
C ARG B 15 17.64 22.86 17.68
N GLY B 16 16.88 21.93 18.25
CA GLY B 16 15.67 22.26 18.97
C GLY B 16 16.00 22.81 20.35
N LYS B 17 14.95 23.14 21.10
CA LYS B 17 15.15 23.67 22.44
C LYS B 17 15.96 22.70 23.29
N TYR B 18 16.76 23.27 24.20
CA TYR B 18 17.63 22.51 25.09
C TYR B 18 16.81 22.07 26.29
N HIS B 19 16.59 20.76 26.43
CA HIS B 19 15.76 20.22 27.50
C HIS B 19 16.34 18.91 28.02
N PRO B 20 17.40 18.98 28.83
CA PRO B 20 17.96 17.73 29.38
C PRO B 20 17.00 17.00 30.30
N GLU B 21 15.99 17.68 30.89
CA GLU B 21 15.07 16.97 31.75
C GLU B 21 14.17 16.00 31.00
N PHE B 22 14.16 16.06 29.66
CA PHE B 22 13.42 15.08 28.89
C PHE B 22 14.14 13.75 28.79
N LEU B 23 15.43 13.71 29.12
CA LEU B 23 16.19 12.47 29.18
C LEU B 23 16.14 11.97 30.62
N GLN B 24 15.24 11.05 30.90
CA GLN B 24 15.13 10.46 32.23
C GLN B 24 15.75 9.06 32.21
N ASN B 25 15.82 8.46 33.40
CA ASN B 25 16.33 7.10 33.51
C ASN B 25 15.14 6.15 33.55
N GLU B 26 14.43 6.10 32.42
CA GLU B 26 13.11 5.51 32.36
C GLU B 26 12.97 4.57 31.18
N VAL B 27 11.84 3.85 31.18
CA VAL B 27 11.43 2.98 30.10
C VAL B 27 9.93 3.18 29.93
N LEU B 28 9.41 2.77 28.76
CA LEU B 28 8.00 3.01 28.45
C LEU B 28 7.09 2.50 29.56
N ALA B 29 7.38 1.31 30.08
CA ALA B 29 6.59 0.76 31.18
C ALA B 29 6.48 1.76 32.32
N ASP B 30 7.56 2.50 32.60
CA ASP B 30 7.50 3.50 33.65
C ASP B 30 6.47 4.57 33.34
N ILE B 31 6.48 5.08 32.11
CA ILE B 31 5.52 6.12 31.71
C ILE B 31 4.09 5.61 31.88
N PHE B 32 3.80 4.42 31.35
CA PHE B 32 2.44 3.92 31.45
C PHE B 32 2.06 3.67 32.91
N ALA B 33 2.99 3.13 33.70
CA ALA B 33 2.70 2.86 35.11
C ALA B 33 2.40 4.15 35.85
N HIS B 34 3.16 5.22 35.58
CA HIS B 34 2.85 6.49 36.19
C HIS B 34 1.43 6.92 35.87
N THR B 35 1.07 6.88 34.59
CA THR B 35 -0.28 7.30 34.23
C THR B 35 -1.34 6.42 34.89
N ALA B 36 -1.07 5.11 34.98
CA ALA B 36 -2.09 4.19 35.50
C ALA B 36 -2.26 4.34 37.00
N GLN B 37 -1.18 4.56 37.74
CA GLN B 37 -1.30 4.78 39.17
C GLN B 37 -1.87 6.15 39.49
N THR B 38 -1.59 7.14 38.63
CA THR B 38 -2.09 8.49 38.85
C THR B 38 -3.58 8.63 38.51
N LEU B 39 -4.08 7.83 37.56
CA LEU B 39 -5.43 8.03 37.06
C LEU B 39 -6.14 6.70 36.87
N PRO B 40 -6.18 5.84 37.90
CA PRO B 40 -6.69 4.48 37.71
C PRO B 40 -8.10 4.43 37.13
N ASP B 41 -8.97 5.34 37.55
CA ASP B 41 -10.38 5.29 37.18
C ASP B 41 -10.69 6.03 35.89
N LYS B 42 -9.70 6.70 35.29
CA LYS B 42 -9.92 7.34 34.01
C LYS B 42 -9.92 6.31 32.89
N THR B 43 -10.81 6.49 31.93
CA THR B 43 -10.90 5.58 30.79
C THR B 43 -9.70 5.78 29.87
N ALA B 44 -9.00 4.68 29.58
CA ALA B 44 -7.89 4.72 28.64
C ALA B 44 -8.32 4.34 27.22
N LEU B 45 -9.23 3.38 27.07
CA LEU B 45 -9.56 2.82 25.76
C LEU B 45 -11.06 2.80 25.50
N ILE B 46 -11.44 3.07 24.25
CA ILE B 46 -12.83 2.96 23.80
C ILE B 46 -12.84 2.19 22.48
N GLU B 47 -13.61 1.11 22.43
CA GLU B 47 -13.84 0.34 21.21
C GLU B 47 -15.33 0.14 21.05
N ALA B 48 -15.96 0.98 20.23
CA ALA B 48 -17.42 0.96 20.10
C ALA B 48 -18.06 1.27 21.44
N ASP B 49 -18.56 0.23 22.12
CA ASP B 49 -19.16 0.37 23.44
C ASP B 49 -18.27 -0.13 24.56
N LYS B 50 -17.30 -0.98 24.27
CA LYS B 50 -16.34 -1.40 25.28
C LYS B 50 -15.50 -0.20 25.73
N THR B 51 -15.31 -0.10 27.04
CA THR B 51 -14.37 0.85 27.62
C THR B 51 -13.51 0.12 28.63
N LEU B 52 -12.24 0.48 28.68
CA LEU B 52 -11.31 -0.06 29.65
C LEU B 52 -10.62 1.12 30.33
N SER B 53 -10.43 1.00 31.64
CA SER B 53 -9.80 2.07 32.40
C SER B 53 -8.28 1.86 32.40
N TYR B 54 -7.56 2.93 32.78
CA TYR B 54 -6.11 2.81 32.87
C TYR B 54 -5.71 1.76 33.90
N GLY B 55 -6.41 1.72 35.04
CA GLY B 55 -6.10 0.69 36.04
C GLY B 55 -6.45 -0.70 35.56
N GLU B 56 -7.64 -0.87 34.98
CA GLU B 56 -8.03 -2.17 34.44
C GLU B 56 -7.08 -2.62 33.34
N LEU B 57 -6.81 -1.73 32.38
CA LEU B 57 -5.87 -2.06 31.30
C LEU B 57 -4.52 -2.45 31.87
N TYR B 58 -4.02 -1.69 32.86
CA TYR B 58 -2.72 -1.96 33.44
C TYR B 58 -2.70 -3.34 34.08
N GLN B 59 -3.72 -3.67 34.88
CA GLN B 59 -3.74 -4.95 35.57
C GLN B 59 -3.82 -6.12 34.59
N GLN B 60 -4.70 -6.00 33.58
CA GLN B 60 -4.84 -7.07 32.60
C GLN B 60 -3.55 -7.26 31.80
N ALA B 61 -2.93 -6.16 31.37
CA ALA B 61 -1.64 -6.26 30.68
C ALA B 61 -0.58 -6.84 31.60
N LEU B 62 -0.64 -6.56 32.89
CA LEU B 62 0.35 -7.12 33.82
C LEU B 62 0.18 -8.63 33.95
N ILE B 63 -1.06 -9.10 33.96
CA ILE B 63 -1.28 -10.55 33.94
C ILE B 63 -0.69 -11.15 32.67
N MET B 64 -0.95 -10.52 31.53
CA MET B 64 -0.41 -11.03 30.27
C MET B 64 1.12 -11.05 30.29
N ALA B 65 1.73 -10.00 30.83
CA ALA B 65 3.19 -9.92 30.87
C ALA B 65 3.77 -10.96 31.81
N GLN B 66 3.11 -11.20 32.95
CA GLN B 66 3.54 -12.26 33.84
C GLN B 66 3.47 -13.62 33.15
N HIS B 67 2.44 -13.84 32.33
CA HIS B 67 2.38 -15.10 31.58
C HIS B 67 3.51 -15.19 30.57
N LEU B 68 3.81 -14.09 29.88
CA LEU B 68 4.93 -14.11 28.94
C LEU B 68 6.23 -14.43 29.67
N ALA B 69 6.46 -13.78 30.82
CA ALA B 69 7.66 -14.04 31.59
C ALA B 69 7.75 -15.50 32.01
N LEU B 70 6.64 -16.04 32.52
CA LEU B 70 6.60 -17.47 32.83
C LEU B 70 7.02 -18.30 31.61
N LYS B 71 6.54 -17.92 30.43
CA LYS B 71 6.88 -18.64 29.21
C LYS B 71 8.27 -18.30 28.67
N GLY B 72 9.04 -17.49 29.39
CA GLY B 72 10.45 -17.31 29.10
C GLY B 72 10.84 -15.98 28.49
N VAL B 73 9.91 -15.05 28.33
CA VAL B 73 10.23 -13.76 27.74
C VAL B 73 10.94 -12.90 28.78
N LYS B 74 12.02 -12.25 28.37
CA LYS B 74 12.76 -11.38 29.26
C LYS B 74 13.13 -10.10 28.53
N PRO B 75 13.59 -9.07 29.24
CA PRO B 75 14.01 -7.84 28.55
C PRO B 75 15.06 -8.15 27.49
N GLY B 76 14.96 -7.45 26.36
CA GLY B 76 15.82 -7.67 25.24
C GLY B 76 15.28 -8.62 24.20
N HIS B 77 14.25 -9.40 24.54
CA HIS B 77 13.62 -10.28 23.59
C HIS B 77 12.65 -9.49 22.71
N ILE B 78 12.39 -10.02 21.52
CA ILE B 78 11.46 -9.42 20.57
C ILE B 78 10.26 -10.34 20.43
N VAL B 79 9.06 -9.75 20.53
CA VAL B 79 7.81 -10.49 20.49
C VAL B 79 6.92 -9.90 19.40
N GLY B 80 6.44 -10.75 18.50
CA GLY B 80 5.57 -10.29 17.44
C GLY B 80 4.19 -9.91 17.94
N LEU B 81 3.59 -8.92 17.29
CA LEU B 81 2.26 -8.42 17.65
C LEU B 81 1.40 -8.41 16.39
N TRP B 82 0.33 -9.21 16.38
CA TRP B 82 -0.53 -9.30 15.20
C TRP B 82 -1.95 -9.59 15.67
N LEU B 83 -2.72 -8.53 15.90
CA LEU B 83 -4.11 -8.64 16.30
C LEU B 83 -4.94 -7.60 15.56
N PRO B 84 -6.25 -7.79 15.49
CA PRO B 84 -7.11 -6.79 14.86
C PRO B 84 -7.11 -5.49 15.64
N ARG B 85 -7.40 -4.39 14.95
CA ARG B 85 -7.60 -3.12 15.62
C ARG B 85 -8.59 -3.29 16.76
N GLY B 86 -8.27 -2.67 17.90
CA GLY B 86 -9.15 -2.77 19.06
C GLY B 86 -8.43 -2.83 20.40
N ILE B 87 -9.21 -3.00 21.47
CA ILE B 87 -8.64 -3.00 22.81
C ILE B 87 -7.62 -4.12 22.96
N GLU B 88 -7.89 -5.29 22.38
CA GLU B 88 -6.99 -6.43 22.61
C GLU B 88 -5.62 -6.19 21.98
N LEU B 89 -5.58 -5.56 20.80
CA LEU B 89 -4.30 -5.23 20.18
C LEU B 89 -3.46 -4.34 21.11
N LEU B 90 -4.06 -3.24 21.60
CA LEU B 90 -3.31 -2.34 22.48
C LEU B 90 -2.93 -3.02 23.79
N LYS B 91 -3.85 -3.78 24.38
CA LYS B 91 -3.55 -4.46 25.63
C LYS B 91 -2.39 -5.45 25.44
N ALA B 92 -2.32 -6.10 24.28
CA ALA B 92 -1.23 -7.05 24.03
C ALA B 92 0.09 -6.34 23.77
N GLN B 93 0.05 -5.25 23.01
CA GLN B 93 1.24 -4.42 22.86
C GLN B 93 1.77 -4.03 24.23
N LEU B 94 0.86 -3.57 25.09
CA LEU B 94 1.23 -3.16 26.44
C LEU B 94 1.74 -4.33 27.26
N ALA B 95 1.18 -5.51 27.05
CA ALA B 95 1.64 -6.69 27.78
C ALA B 95 3.07 -7.03 27.40
N ILE B 96 3.38 -7.02 26.11
CA ILE B 96 4.75 -7.18 25.67
C ILE B 96 5.64 -6.13 26.33
N CYS B 97 5.16 -4.88 26.38
CA CYS B 97 5.96 -3.80 26.95
C CYS B 97 6.27 -4.05 28.42
N LEU B 98 5.26 -4.42 29.21
CA LEU B 98 5.46 -4.63 30.64
C LEU B 98 6.37 -5.82 30.92
N SER B 99 6.42 -6.79 30.01
CA SER B 99 7.29 -7.94 30.21
C SER B 99 8.77 -7.57 30.13
N GLY B 100 9.10 -6.37 29.64
CA GLY B 100 10.47 -5.97 29.44
C GLY B 100 10.99 -6.20 28.04
N ALA B 101 10.20 -6.79 27.17
CA ALA B 101 10.63 -7.07 25.80
C ALA B 101 10.18 -5.96 24.86
N ALA B 102 10.71 -6.01 23.64
CA ALA B 102 10.31 -5.12 22.56
C ALA B 102 9.31 -5.83 21.66
N TRP B 103 8.36 -5.09 21.13
CA TRP B 103 7.36 -5.67 20.25
C TRP B 103 7.65 -5.31 18.80
N LEU B 104 7.37 -6.26 17.91
CA LEU B 104 7.45 -6.07 16.47
C LEU B 104 6.02 -5.97 15.95
N PRO B 105 5.55 -4.80 15.57
CA PRO B 105 4.13 -4.65 15.22
C PRO B 105 3.83 -5.06 13.78
N PHE B 106 2.71 -5.75 13.61
CA PHE B 106 2.25 -6.24 12.30
C PHE B 106 0.90 -5.65 11.96
N ASP B 107 0.78 -5.10 10.76
CA ASP B 107 -0.50 -4.60 10.28
C ASP B 107 -1.51 -5.74 10.15
N MET B 108 -2.79 -5.38 10.18
CA MET B 108 -3.85 -6.39 10.06
C MET B 108 -3.69 -7.22 8.79
N ASP B 109 -3.38 -6.57 7.67
CA ASP B 109 -3.33 -7.24 6.38
C ASP B 109 -1.94 -7.72 6.00
N THR B 110 -1.14 -8.10 6.98
CA THR B 110 0.18 -8.64 6.70
C THR B 110 0.07 -10.12 6.37
N PRO B 111 0.61 -10.56 5.23
CA PRO B 111 0.58 -12.00 4.92
C PRO B 111 1.48 -12.80 5.83
N ALA B 112 1.06 -14.04 6.10
CA ALA B 112 1.76 -14.88 7.06
C ALA B 112 3.23 -15.04 6.73
N ASP B 113 3.56 -15.12 5.43
CA ASP B 113 4.95 -15.29 5.03
C ASP B 113 5.78 -14.08 5.46
N ARG B 114 5.19 -12.88 5.40
CA ARG B 114 5.91 -11.69 5.83
C ARG B 114 6.12 -11.70 7.34
N ILE B 115 5.12 -12.13 8.10
CA ILE B 115 5.28 -12.33 9.54
C ILE B 115 6.44 -13.26 9.81
N ALA B 116 6.45 -14.42 9.15
CA ALA B 116 7.53 -15.38 9.35
C ALA B 116 8.88 -14.76 9.02
N VAL B 117 8.98 -14.04 7.90
CA VAL B 117 10.23 -13.46 7.47
C VAL B 117 10.73 -12.45 8.49
N CYS B 118 9.84 -11.58 8.97
CA CYS B 118 10.26 -10.55 9.91
C CYS B 118 10.66 -11.15 11.25
N LEU B 119 9.91 -12.14 11.74
CA LEU B 119 10.29 -12.80 12.98
C LEU B 119 11.64 -13.48 12.83
N GLU B 120 11.83 -14.22 11.73
CA GLU B 120 13.12 -14.85 11.46
C GLU B 120 14.25 -13.82 11.48
N ASP B 121 14.06 -12.71 10.77
CA ASP B 121 15.10 -11.68 10.71
C ASP B 121 15.40 -11.12 12.08
N ALA B 122 14.35 -10.81 12.85
CA ALA B 122 14.51 -10.21 14.17
C ALA B 122 14.89 -11.23 15.26
N GLU B 123 14.86 -12.53 14.95
CA GLU B 123 15.15 -13.55 15.94
C GLU B 123 14.14 -13.48 17.09
N ALA B 124 12.88 -13.20 16.77
CA ALA B 124 11.85 -13.07 17.78
C ALA B 124 11.65 -14.39 18.51
N VAL B 125 11.43 -14.32 19.82
CA VAL B 125 11.15 -15.52 20.61
C VAL B 125 9.71 -15.97 20.48
N GLY B 126 8.88 -15.22 19.76
CA GLY B 126 7.49 -15.57 19.60
C GLY B 126 6.69 -14.36 19.20
N MET B 127 5.38 -14.52 19.23
CA MET B 127 4.46 -13.47 18.83
C MET B 127 3.13 -13.71 19.51
N ILE B 128 2.31 -12.66 19.59
CA ILE B 128 0.97 -12.74 20.13
C ILE B 128 -0.03 -12.49 19.02
N THR B 129 -1.08 -13.31 18.97
CA THR B 129 -2.16 -13.13 18.02
C THR B 129 -3.47 -13.51 18.71
N THR B 130 -4.50 -13.78 17.93
CA THR B 130 -5.79 -14.23 18.43
C THR B 130 -6.00 -15.71 18.15
N ASP B 131 -7.02 -16.27 18.80
CA ASP B 131 -7.40 -17.65 18.51
C ASP B 131 -7.79 -17.81 17.05
N GLU B 132 -8.62 -16.89 16.55
CA GLU B 132 -9.05 -16.94 15.16
C GLU B 132 -7.87 -16.89 14.20
N TRP B 133 -6.93 -15.97 14.44
CA TRP B 133 -5.81 -15.79 13.53
C TRP B 133 -4.71 -16.82 13.72
N TYR B 134 -4.67 -17.51 14.86
CA TYR B 134 -3.65 -18.54 15.06
C TYR B 134 -3.70 -19.55 13.93
N GLU B 135 -4.90 -19.84 13.41
CA GLU B 135 -5.05 -20.81 12.34
C GLU B 135 -4.34 -20.36 11.07
N HIS B 136 -4.25 -19.05 10.85
CA HIS B 136 -3.61 -18.51 9.65
C HIS B 136 -2.10 -18.64 9.67
N LEU B 137 -1.52 -19.10 10.78
CA LEU B 137 -0.07 -19.04 10.98
C LEU B 137 0.58 -20.42 10.99
N ALA B 138 0.10 -21.33 10.13
CA ALA B 138 0.68 -22.67 10.11
C ALA B 138 2.13 -22.64 9.65
N GLU B 139 2.44 -21.80 8.66
CA GLU B 139 3.78 -21.72 8.09
C GLU B 139 4.73 -20.83 8.90
N VAL B 140 4.30 -20.37 10.09
CA VAL B 140 5.14 -19.55 10.95
C VAL B 140 5.83 -20.48 11.95
N PRO B 141 7.16 -20.64 11.89
CA PRO B 141 7.81 -21.56 12.83
C PRO B 141 7.85 -21.05 14.26
N GLN B 142 8.00 -19.75 14.46
CA GLN B 142 8.19 -19.21 15.80
C GLN B 142 7.01 -19.55 16.71
N THR B 143 7.27 -19.48 18.01
CA THR B 143 6.22 -19.71 19.00
C THR B 143 5.14 -18.64 18.89
N LYS B 144 3.87 -19.08 18.96
CA LYS B 144 2.73 -18.19 18.84
C LYS B 144 1.82 -18.36 20.04
N TRP B 145 1.64 -17.28 20.80
CA TRP B 145 0.74 -17.25 21.95
C TRP B 145 -0.51 -16.47 21.59
N THR B 146 -1.63 -16.90 22.12
CA THR B 146 -2.90 -16.21 21.94
C THR B 146 -3.17 -15.33 23.15
N ASN B 147 -3.73 -14.15 22.90
CA ASN B 147 -4.08 -13.27 24.01
C ASN B 147 -4.87 -14.01 25.08
N THR B 148 -5.82 -14.85 24.64
CA THR B 148 -6.65 -15.59 25.59
C THR B 148 -5.80 -16.43 26.53
N GLU B 149 -4.86 -17.20 25.97
CA GLU B 149 -4.05 -18.08 26.83
C GLU B 149 -3.15 -17.27 27.76
N LEU B 150 -2.71 -16.09 27.33
CA LEU B 150 -1.92 -15.22 28.20
C LEU B 150 -2.76 -14.48 29.23
N GLN B 151 -4.09 -14.53 29.11
CA GLN B 151 -4.98 -13.83 30.02
C GLN B 151 -5.58 -14.72 31.10
N LYS B 152 -5.18 -15.99 31.16
CA LYS B 152 -5.76 -16.90 32.13
C LYS B 152 -5.28 -16.58 33.55
N PRO B 153 -6.08 -16.88 34.57
CA PRO B 153 -5.66 -16.58 35.95
C PRO B 153 -4.34 -17.26 36.29
N LEU B 154 -3.58 -16.62 37.16
CA LEU B 154 -2.25 -17.07 37.52
C LEU B 154 -2.22 -17.66 38.93
N SER B 155 -1.57 -18.82 39.06
CA SER B 155 -1.26 -19.40 40.36
C SER B 155 0.06 -18.75 40.80
N GLU B 156 -0.02 -17.80 41.72
CA GLU B 156 1.17 -17.09 42.21
C GLU B 156 1.56 -15.93 41.31
N SER B 157 2.11 -14.88 41.90
CA SER B 157 2.57 -13.71 41.17
C SER B 157 3.95 -13.97 40.57
N VAL B 158 4.22 -13.33 39.44
CA VAL B 158 5.51 -13.43 38.77
C VAL B 158 6.19 -12.07 38.80
N SER B 159 7.43 -12.03 39.25
CA SER B 159 8.20 -10.80 39.22
C SER B 159 8.77 -10.61 37.83
N LEU B 160 8.65 -9.40 37.30
CA LEU B 160 9.08 -9.10 35.94
C LEU B 160 10.44 -8.43 35.98
N ALA B 161 11.43 -9.02 35.31
CA ALA B 161 12.73 -8.39 35.20
C ALA B 161 12.59 -7.05 34.49
N LYS B 162 13.19 -6.01 35.07
CA LYS B 162 13.10 -4.68 34.51
C LYS B 162 14.05 -4.53 33.33
N THR B 163 13.64 -3.72 32.36
CA THR B 163 14.46 -3.42 31.20
C THR B 163 15.17 -2.08 31.37
N THR B 164 16.15 -1.85 30.52
CA THR B 164 17.00 -0.67 30.60
C THR B 164 16.81 0.25 29.40
N PRO B 165 17.12 1.54 29.56
CA PRO B 165 16.91 2.49 28.45
C PRO B 165 17.62 2.07 27.17
N ASP B 166 18.74 1.38 27.29
CA ASP B 166 19.53 0.94 26.15
C ASP B 166 18.98 -0.30 25.48
N GLN B 167 17.93 -0.91 26.04
CA GLN B 167 17.28 -2.05 25.42
C GLN B 167 16.25 -1.59 24.38
N PRO B 168 15.99 -2.41 23.37
CA PRO B 168 14.97 -2.05 22.38
C PRO B 168 13.57 -2.06 22.97
N ALA B 169 12.75 -1.10 22.53
CA ALA B 169 11.34 -1.03 22.88
C ALA B 169 10.43 -1.57 21.79
N TYR B 170 10.81 -1.42 20.53
CA TYR B 170 10.05 -1.97 19.41
C TYR B 170 10.94 -1.94 18.19
N ILE B 171 10.59 -2.75 17.20
CA ILE B 171 11.28 -2.78 15.91
C ILE B 171 10.25 -2.60 14.82
N ILE B 172 10.42 -1.55 14.01
CA ILE B 172 9.54 -1.25 12.89
C ILE B 172 10.24 -1.68 11.62
N TYR B 173 9.59 -2.53 10.84
CA TYR B 173 10.12 -2.95 9.55
C TYR B 173 9.56 -2.06 8.46
N THR B 174 10.40 -1.75 7.47
CA THR B 174 10.05 -0.80 6.44
C THR B 174 8.71 -1.16 5.80
N SER B 175 7.99 -0.13 5.37
CA SER B 175 6.78 -0.34 4.58
C SER B 175 7.14 -0.91 3.21
N GLY B 176 6.12 -1.36 2.49
CA GLY B 176 6.34 -2.07 1.25
C GLY B 176 6.13 -3.56 1.44
N SER B 177 5.49 -4.20 0.47
CA SER B 177 5.11 -5.60 0.59
C SER B 177 5.73 -6.49 -0.47
N THR B 178 6.88 -6.08 -1.04
CA THR B 178 7.51 -6.84 -2.11
C THR B 178 8.90 -7.34 -1.73
N GLY B 179 9.79 -6.47 -1.32
CA GLY B 179 11.20 -6.79 -1.15
C GLY B 179 11.55 -7.34 0.21
N LYS B 180 12.83 -7.17 0.58
CA LYS B 180 13.33 -7.64 1.87
C LYS B 180 13.15 -6.56 2.91
N PRO B 181 12.43 -6.83 4.00
CA PRO B 181 12.15 -5.78 4.99
C PRO B 181 13.36 -5.44 5.85
N LYS B 182 13.49 -4.16 6.18
CA LYS B 182 14.53 -3.65 7.07
C LYS B 182 13.93 -3.37 8.45
N GLY B 183 14.48 -4.01 9.48
CA GLY B 183 14.05 -3.76 10.84
C GLY B 183 14.82 -2.66 11.53
N ILE B 184 14.12 -1.60 11.94
CA ILE B 184 14.72 -0.45 12.63
C ILE B 184 14.53 -0.64 14.13
N VAL B 185 15.62 -0.52 14.89
CA VAL B 185 15.63 -0.82 16.31
C VAL B 185 15.57 0.50 17.08
N ILE B 186 14.44 0.76 17.73
CA ILE B 186 14.23 1.94 18.57
C ILE B 186 14.38 1.52 20.02
N THR B 187 15.11 2.31 20.80
CA THR B 187 15.37 1.97 22.20
C THR B 187 14.34 2.61 23.12
N GLN B 188 14.30 2.13 24.37
CA GLN B 188 13.47 2.77 25.37
C GLN B 188 13.84 4.25 25.51
N LYS B 189 15.13 4.55 25.52
CA LYS B 189 15.59 5.94 25.54
C LYS B 189 15.04 6.71 24.34
N ASN B 190 15.28 6.20 23.13
CA ASN B 190 14.77 6.83 21.92
C ASN B 190 13.32 7.29 22.09
N ILE B 191 12.45 6.34 22.43
CA ILE B 191 11.01 6.59 22.36
C ILE B 191 10.54 7.42 23.55
N CYS B 192 11.09 7.17 24.74
CA CYS B 192 10.69 7.98 25.89
C CYS B 192 11.08 9.44 25.69
N HIS B 193 12.28 9.67 25.16
CA HIS B 193 12.69 11.04 24.86
C HIS B 193 11.79 11.65 23.80
N PHE B 194 11.50 10.91 22.72
CA PHE B 194 10.64 11.49 21.69
C PHE B 194 9.29 11.88 22.27
N LEU B 195 8.70 10.99 23.07
CA LEU B 195 7.41 11.29 23.65
C LEU B 195 7.47 12.61 24.43
N ARG B 196 8.41 12.71 25.37
CA ARG B 196 8.45 13.93 26.17
C ARG B 196 8.75 15.15 25.31
N SER B 197 9.70 15.03 24.39
CA SER B 197 10.12 16.16 23.55
C SER B 197 8.96 16.67 22.70
N GLU B 198 8.35 15.79 21.91
CA GLU B 198 7.27 16.25 21.04
C GLU B 198 6.08 16.74 21.85
N ASN B 199 5.77 16.09 22.97
CA ASN B 199 4.59 16.51 23.71
C ASN B 199 4.81 17.82 24.45
N SER B 200 6.06 18.21 24.70
CA SER B 200 6.27 19.56 25.24
C SER B 200 5.76 20.63 24.30
N ILE B 201 5.56 20.30 23.02
CA ILE B 201 5.07 21.25 22.02
C ILE B 201 3.64 20.95 21.62
N LEU B 202 3.33 19.71 21.27
CA LEU B 202 1.95 19.34 20.98
C LEU B 202 1.05 19.65 22.17
N GLY B 203 1.43 19.18 23.35
CA GLY B 203 0.66 19.46 24.54
C GLY B 203 -0.60 18.64 24.66
N ILE B 204 -0.55 17.36 24.29
CA ILE B 204 -1.70 16.49 24.52
C ILE B 204 -2.00 16.48 26.01
N GLN B 205 -3.25 16.70 26.35
CA GLN B 205 -3.68 16.84 27.73
C GLN B 205 -4.46 15.61 28.17
N GLU B 206 -4.59 15.45 29.49
CA GLU B 206 -5.35 14.33 30.03
C GLU B 206 -6.83 14.45 29.67
N GLN B 207 -7.31 15.68 29.46
CA GLN B 207 -8.70 15.88 29.06
C GLN B 207 -8.97 15.50 27.62
N ASP B 208 -7.93 15.39 26.79
CA ASP B 208 -8.15 15.14 25.37
C ASP B 208 -8.75 13.76 25.14
N LYS B 209 -9.55 13.66 24.09
CA LYS B 209 -10.08 12.40 23.57
C LYS B 209 -9.48 12.21 22.19
N VAL B 210 -8.65 11.19 22.03
CA VAL B 210 -7.73 11.07 20.89
C VAL B 210 -8.18 9.93 19.99
N TYR B 211 -8.32 10.22 18.70
CA TYR B 211 -8.64 9.20 17.71
C TYR B 211 -7.42 8.30 17.48
N GLN B 212 -7.64 6.99 17.52
CA GLN B 212 -6.60 5.98 17.29
C GLN B 212 -6.96 5.22 16.02
N GLY B 213 -6.54 5.76 14.88
CA GLY B 213 -6.90 5.19 13.60
C GLY B 213 -5.75 4.58 12.84
N PHE B 214 -4.53 4.76 13.33
CA PHE B 214 -3.35 4.27 12.65
C PHE B 214 -3.04 2.82 13.00
N SER B 215 -2.47 2.12 12.03
CA SER B 215 -1.97 0.77 12.25
C SER B 215 -0.76 0.78 13.17
N VAL B 216 -0.65 -0.24 14.02
CA VAL B 216 0.49 -0.33 14.92
C VAL B 216 1.80 -0.50 14.17
N ALA B 217 1.73 -0.70 12.86
CA ALA B 217 2.93 -0.80 12.03
C ALA B 217 3.42 0.56 11.56
N PHE B 218 2.70 1.63 11.87
CA PHE B 218 3.04 2.98 11.43
C PHE B 218 3.54 3.81 12.61
N ASP B 219 4.47 4.73 12.32
CA ASP B 219 5.04 5.56 13.37
C ASP B 219 3.97 6.38 14.09
N MET B 220 3.02 6.94 13.33
CA MET B 220 2.05 7.84 13.94
C MET B 220 1.14 7.11 14.92
N SER B 221 1.11 5.78 14.89
CA SER B 221 0.42 5.06 15.96
C SER B 221 1.01 5.40 17.32
N PHE B 222 2.32 5.66 17.38
CA PHE B 222 2.93 6.07 18.65
C PHE B 222 2.44 7.45 19.07
N GLU B 223 2.43 8.42 18.15
CA GLU B 223 1.90 9.73 18.49
C GLU B 223 0.46 9.62 18.99
N GLU B 224 -0.32 8.72 18.39
CA GLU B 224 -1.71 8.52 18.82
C GLU B 224 -1.78 7.89 20.20
N ILE B 225 -1.09 6.77 20.39
CA ILE B 225 -1.28 5.91 21.56
C ILE B 225 -0.47 6.41 22.75
N TRP B 226 0.84 6.59 22.56
CA TRP B 226 1.76 6.70 23.68
C TRP B 226 1.88 8.10 24.24
N LEU B 227 1.72 9.15 23.43
CA LEU B 227 1.52 10.47 24.01
C LEU B 227 0.31 10.47 24.94
N SER B 228 -0.79 9.88 24.47
CA SER B 228 -2.00 9.76 25.27
C SER B 228 -1.72 9.03 26.58
N TYR B 229 -1.04 7.88 26.48
CA TYR B 229 -0.62 7.18 27.70
C TYR B 229 0.19 8.10 28.59
N LEU B 230 1.08 8.89 27.98
CA LEU B 230 1.97 9.77 28.73
C LEU B 230 1.19 10.74 29.61
N VAL B 231 0.11 11.30 29.09
CA VAL B 231 -0.65 12.27 29.87
C VAL B 231 -1.98 11.71 30.37
N GLY B 232 -2.32 10.47 30.02
CA GLY B 232 -3.56 9.89 30.48
C GLY B 232 -4.79 10.26 29.67
N ALA B 233 -4.60 10.71 28.43
CA ALA B 233 -5.74 11.00 27.58
C ALA B 233 -6.50 9.71 27.26
N THR B 234 -7.65 9.87 26.61
CA THR B 234 -8.51 8.75 26.26
C THR B 234 -8.45 8.48 24.76
N LEU B 235 -8.37 7.20 24.41
CA LEU B 235 -8.20 6.74 23.03
C LEU B 235 -9.48 6.12 22.52
N TRP B 236 -9.97 6.62 21.39
CA TRP B 236 -11.11 6.04 20.69
C TRP B 236 -10.59 5.26 19.50
N ILE B 237 -10.71 3.93 19.55
CA ILE B 237 -10.06 3.04 18.59
C ILE B 237 -10.97 2.82 17.39
N ALA B 238 -10.47 3.16 16.20
CA ALA B 238 -11.22 3.07 14.96
C ALA B 238 -11.24 1.63 14.44
N PRO B 239 -12.40 1.15 13.98
CA PRO B 239 -12.43 -0.15 13.30
C PRO B 239 -11.80 -0.06 11.92
N LYS B 240 -11.48 -1.24 11.37
CA LYS B 240 -10.88 -1.29 10.04
C LYS B 240 -11.79 -0.67 8.99
N SER B 241 -13.09 -0.91 9.11
CA SER B 241 -14.04 -0.34 8.14
C SER B 241 -13.92 1.18 8.08
N LEU B 242 -13.75 1.82 9.24
CA LEU B 242 -13.76 3.28 9.29
C LEU B 242 -12.48 3.89 8.70
N VAL B 243 -11.38 3.12 8.74
CA VAL B 243 -10.06 3.66 8.41
C VAL B 243 -9.96 4.14 6.97
N SER B 244 -10.75 3.56 6.06
CA SER B 244 -10.68 3.92 4.65
C SER B 244 -11.90 4.72 4.19
N ASP B 245 -12.70 5.23 5.12
CA ASP B 245 -13.97 5.90 4.82
C ASP B 245 -13.90 7.34 5.34
N PRO B 246 -13.23 8.24 4.60
CA PRO B 246 -13.03 9.61 5.10
C PRO B 246 -14.30 10.36 5.46
N GLU B 247 -15.40 10.20 4.70
CA GLU B 247 -16.60 10.96 5.03
C GLU B 247 -17.27 10.42 6.29
N ARG B 248 -17.35 9.09 6.39
CA ARG B 248 -17.84 8.48 7.62
C ARG B 248 -16.96 8.87 8.80
N LEU B 249 -15.64 8.98 8.58
CA LEU B 249 -14.76 9.38 9.67
C LEU B 249 -14.98 10.84 10.07
N CYS B 250 -15.16 11.72 9.08
CA CYS B 250 -15.45 13.11 9.40
C CYS B 250 -16.70 13.22 10.25
N GLN B 251 -17.69 12.36 9.99
CA GLN B 251 -18.89 12.40 10.83
C GLN B 251 -18.61 11.79 12.20
N THR B 252 -17.82 10.71 12.25
CA THR B 252 -17.57 10.03 13.52
C THR B 252 -16.79 10.92 14.47
N LEU B 253 -15.83 11.69 13.95
CA LEU B 253 -15.04 12.56 14.83
C LEU B 253 -15.93 13.61 15.50
N LYS B 254 -16.89 14.15 14.76
CA LYS B 254 -17.84 15.07 15.37
C LYS B 254 -18.73 14.36 16.38
N GLN B 255 -19.24 13.18 16.02
CA GLN B 255 -20.21 12.50 16.89
C GLN B 255 -19.57 12.10 18.21
N GLU B 256 -18.38 11.51 18.16
CA GLU B 256 -17.70 11.06 19.37
C GLU B 256 -17.02 12.19 20.13
N GLN B 257 -17.04 13.40 19.58
CA GLN B 257 -16.42 14.56 20.23
C GLN B 257 -14.94 14.31 20.50
N ILE B 258 -14.23 13.98 19.42
CA ILE B 258 -12.78 13.82 19.45
C ILE B 258 -12.13 15.20 19.51
N THR B 259 -11.07 15.33 20.31
CA THR B 259 -10.34 16.59 20.39
C THR B 259 -8.98 16.55 19.73
N VAL B 260 -8.46 15.36 19.42
CA VAL B 260 -7.11 15.21 18.89
C VAL B 260 -7.13 14.23 17.73
N LEU B 261 -6.62 14.66 16.58
CA LEU B 261 -6.53 13.81 15.40
C LEU B 261 -5.11 13.85 14.85
N HIS B 262 -4.48 12.68 14.75
CA HIS B 262 -3.24 12.52 14.02
C HIS B 262 -3.55 11.86 12.67
N ALA B 263 -3.08 12.45 11.58
CA ALA B 263 -3.38 11.94 10.26
C ALA B 263 -2.41 12.52 9.26
N VAL B 264 -2.57 12.12 8.00
CA VAL B 264 -1.75 12.63 6.90
C VAL B 264 -2.59 13.65 6.12
N PRO B 265 -1.96 14.60 5.42
CA PRO B 265 -2.74 15.66 4.74
C PRO B 265 -3.86 15.15 3.85
N THR B 266 -3.69 14.03 3.14
CA THR B 266 -4.73 13.60 2.20
C THR B 266 -6.02 13.25 2.91
N LEU B 267 -5.94 12.51 4.03
CA LEU B 267 -7.15 12.14 4.75
C LEU B 267 -7.92 13.39 5.16
N LEU B 268 -7.23 14.34 5.79
CA LEU B 268 -7.87 15.60 6.16
C LEU B 268 -8.48 16.28 4.95
N ALA B 269 -7.75 16.29 3.83
CA ALA B 269 -8.25 16.90 2.61
C ALA B 269 -9.54 16.22 2.13
N LEU B 270 -9.77 14.97 2.51
CA LEU B 270 -10.99 14.28 2.14
C LEU B 270 -12.13 14.50 3.15
N PHE B 271 -12.00 15.46 4.05
CA PHE B 271 -13.08 15.73 5.00
C PHE B 271 -14.04 16.75 4.39
N PRO B 272 -15.31 16.42 4.21
CA PRO B 272 -16.24 17.34 3.53
C PRO B 272 -16.47 18.63 4.30
N GLU B 273 -16.74 18.52 5.60
CA GLU B 273 -17.00 19.67 6.45
C GLU B 273 -15.90 19.78 7.50
N ASP B 274 -16.02 20.81 8.34
CA ASP B 274 -15.12 21.02 9.46
C ASP B 274 -15.50 20.16 10.66
N VAL B 275 -14.51 19.85 11.48
CA VAL B 275 -14.72 19.21 12.78
C VAL B 275 -14.29 20.22 13.84
N PRO B 276 -15.19 21.07 14.33
CA PRO B 276 -14.75 22.19 15.17
C PRO B 276 -14.19 21.79 16.53
N ASN B 277 -14.57 20.63 17.06
CA ASN B 277 -14.14 20.22 18.39
C ASN B 277 -12.72 19.63 18.40
N LEU B 278 -11.93 19.85 17.36
CA LEU B 278 -10.57 19.34 17.29
C LEU B 278 -9.59 20.37 17.88
N ARG B 279 -9.10 20.08 19.09
CA ARG B 279 -8.05 20.89 19.70
C ARG B 279 -6.80 20.92 18.82
N ILE B 280 -6.18 19.75 18.64
CA ILE B 280 -4.93 19.60 17.91
C ILE B 280 -5.17 18.75 16.67
N ILE B 281 -4.55 19.15 15.56
CA ILE B 281 -4.52 18.36 14.33
C ILE B 281 -3.05 18.20 13.94
N ASN B 282 -2.52 16.99 14.09
CA ASN B 282 -1.11 16.72 13.81
C ASN B 282 -1.00 15.98 12.48
N LEU B 283 -0.45 16.67 11.47
CA LEU B 283 -0.32 16.12 10.12
C LEU B 283 1.11 15.63 9.91
N GLY B 284 1.28 14.32 9.82
CA GLY B 284 2.54 13.71 9.47
C GLY B 284 2.59 13.28 8.02
N GLY B 285 3.54 12.40 7.72
CA GLY B 285 3.59 11.80 6.39
C GLY B 285 4.09 12.63 5.24
N GLU B 286 3.55 13.83 5.06
CA GLU B 286 3.91 14.69 3.94
C GLU B 286 3.67 16.14 4.31
N MET B 287 4.38 17.03 3.63
CA MET B 287 4.21 18.46 3.87
C MET B 287 2.81 18.90 3.46
N CYS B 288 2.18 19.69 4.32
CA CYS B 288 0.80 20.10 4.07
C CYS B 288 0.73 21.12 2.94
N PRO B 289 -0.15 20.93 1.96
CA PRO B 289 -0.30 21.95 0.91
C PRO B 289 -1.00 23.20 1.44
N ASP B 290 -0.70 24.33 0.79
CA ASP B 290 -1.20 25.62 1.23
C ASP B 290 -2.73 25.66 1.27
N SER B 291 -3.39 25.05 0.28
CA SER B 291 -4.85 25.08 0.25
C SER B 291 -5.46 24.41 1.47
N LEU B 292 -4.90 23.28 1.89
CA LEU B 292 -5.40 22.61 3.08
C LEU B 292 -5.17 23.45 4.33
N VAL B 293 -4.04 24.17 4.37
CA VAL B 293 -3.79 25.10 5.47
C VAL B 293 -4.88 26.17 5.51
N ASP B 294 -5.08 26.87 4.39
CA ASP B 294 -6.12 27.89 4.33
C ASP B 294 -7.49 27.31 4.67
N ARG B 295 -7.69 26.01 4.47
CA ARG B 295 -8.98 25.43 4.80
C ARG B 295 -9.12 25.09 6.29
N TRP B 296 -8.04 24.64 6.93
CA TRP B 296 -8.14 24.06 8.26
C TRP B 296 -7.38 24.80 9.36
N ALA B 297 -6.48 25.71 9.02
CA ALA B 297 -5.77 26.48 10.03
C ALA B 297 -6.67 27.56 10.62
N LEU B 298 -7.79 27.15 11.22
CA LEU B 298 -8.76 28.07 11.77
C LEU B 298 -8.41 28.43 13.20
N PRO B 299 -9.03 29.48 13.76
CA PRO B 299 -8.68 29.89 15.13
C PRO B 299 -8.90 28.80 16.17
N HIS B 300 -9.97 28.03 16.05
CA HIS B 300 -10.30 26.97 16.99
C HIS B 300 -9.54 25.68 16.69
N HIS B 301 -8.50 25.73 15.88
CA HIS B 301 -7.69 24.57 15.52
C HIS B 301 -6.23 24.91 15.72
N GLN B 302 -5.50 24.00 16.37
CA GLN B 302 -4.04 24.05 16.43
C GLN B 302 -3.51 23.03 15.41
N MET B 303 -3.10 23.52 14.25
CA MET B 303 -2.72 22.67 13.13
C MET B 303 -1.20 22.54 13.09
N PHE B 304 -0.72 21.29 13.15
CA PHE B 304 0.71 21.01 13.16
C PHE B 304 1.09 20.13 11.97
N ASN B 305 2.35 20.25 11.57
CA ASN B 305 2.95 19.46 10.50
C ASN B 305 4.25 18.89 11.05
N THR B 306 4.29 17.58 11.25
CA THR B 306 5.46 16.90 11.80
C THR B 306 6.19 16.11 10.72
N TYR B 307 7.52 16.24 10.71
CA TYR B 307 8.38 15.57 9.76
C TYR B 307 9.43 14.75 10.50
N GLY B 308 9.83 13.63 9.91
CA GLY B 308 10.94 12.86 10.45
C GLY B 308 10.94 11.41 10.04
N PRO B 309 12.13 10.85 9.84
CA PRO B 309 12.24 9.44 9.46
C PRO B 309 12.04 8.50 10.64
N THR B 310 11.59 7.29 10.31
CA THR B 310 11.45 6.25 11.33
C THR B 310 12.76 5.99 12.05
N GLU B 311 13.90 6.23 11.39
CA GLU B 311 15.20 6.00 12.01
C GLU B 311 15.54 7.00 13.11
N THR B 312 14.69 8.00 13.36
CA THR B 312 14.91 8.93 14.47
C THR B 312 13.65 9.06 15.32
N THR B 313 12.83 8.00 15.35
CA THR B 313 11.71 7.92 16.27
C THR B 313 10.57 8.85 15.89
N VAL B 314 9.68 8.40 15.01
CA VAL B 314 8.40 9.03 14.76
C VAL B 314 8.55 10.40 14.10
N SER B 315 9.03 11.40 14.85
CA SER B 315 9.15 12.74 14.32
C SER B 315 10.53 13.30 14.65
N ALA B 316 10.92 14.35 13.91
CA ALA B 316 12.18 15.03 14.15
C ALA B 316 12.00 16.53 14.19
N SER B 317 11.06 17.06 13.41
CA SER B 317 10.77 18.48 13.42
C SER B 317 9.27 18.70 13.39
N LEU B 318 8.86 19.90 13.79
CA LEU B 318 7.46 20.25 13.95
C LEU B 318 7.24 21.70 13.55
N GLU B 319 6.14 21.96 12.85
CA GLU B 319 5.82 23.30 12.36
C GLU B 319 4.35 23.60 12.62
N LEU B 320 4.06 24.76 13.18
CA LEU B 320 2.67 25.17 13.39
C LEU B 320 2.16 25.87 12.15
N LEU B 321 1.10 25.33 11.56
CA LEU B 321 0.59 25.83 10.30
C LEU B 321 -0.37 26.99 10.53
N GLU B 322 -0.28 28.00 9.67
CA GLU B 322 -1.08 29.21 9.80
C GLU B 322 -1.40 29.76 8.43
N ARG B 323 -2.63 30.26 8.29
CA ARG B 323 -3.04 30.97 7.08
C ARG B 323 -2.00 32.01 6.71
N GLY B 324 -1.53 31.96 5.45
CA GLY B 324 -0.58 32.93 4.97
C GLY B 324 0.86 32.65 5.30
N LYS B 325 1.14 31.80 6.27
CA LYS B 325 2.51 31.44 6.60
C LYS B 325 2.99 30.33 5.67
N PRO B 326 4.06 30.53 4.90
CA PRO B 326 4.54 29.46 4.02
C PRO B 326 4.85 28.20 4.80
N VAL B 327 4.52 27.06 4.21
CA VAL B 327 4.69 25.77 4.89
C VAL B 327 6.14 25.35 4.81
N THR B 328 6.74 25.06 5.97
CA THR B 328 8.08 24.52 6.06
C THR B 328 8.07 23.34 7.03
N ILE B 329 9.19 22.61 7.11
CA ILE B 329 9.30 21.49 8.03
C ILE B 329 9.52 21.92 9.47
N GLY B 330 9.58 23.22 9.75
CA GLY B 330 9.66 23.70 11.11
C GLY B 330 11.04 23.56 11.74
N LYS B 331 11.07 23.80 13.09
CA LYS B 331 12.32 23.64 13.81
C LYS B 331 12.41 22.24 14.41
N PRO B 332 13.62 21.70 14.57
CA PRO B 332 13.76 20.36 15.15
C PRO B 332 13.10 20.29 16.52
N LEU B 333 12.74 19.07 16.91
CA LEU B 333 12.15 18.84 18.22
C LEU B 333 13.18 19.09 19.32
N PRO B 334 12.71 19.39 20.53
CA PRO B 334 13.66 19.64 21.63
C PRO B 334 14.69 18.51 21.73
N ASN B 335 15.96 18.90 21.76
CA ASN B 335 17.12 18.01 21.86
C ASN B 335 17.44 17.32 20.53
N TYR B 336 16.74 17.63 19.45
CA TYR B 336 17.06 17.16 18.11
C TYR B 336 17.95 18.18 17.38
N GLY B 337 18.68 17.69 16.39
CA GLY B 337 19.55 18.54 15.59
C GLY B 337 19.58 18.12 14.14
N MET B 338 19.81 19.10 13.27
CA MET B 338 19.88 18.89 11.83
C MET B 338 21.06 19.66 11.26
N LEU B 339 21.81 18.99 10.38
CA LEU B 339 22.93 19.62 9.67
C LEU B 339 22.98 19.08 8.25
N VAL B 340 23.81 19.68 7.41
CA VAL B 340 23.92 19.32 6.00
C VAL B 340 25.37 18.93 5.70
N ILE B 341 25.54 17.75 5.09
CA ILE B 341 26.87 17.28 4.72
C ILE B 341 26.94 17.08 3.21
N ASN B 342 28.10 16.72 2.70
CA ASN B 342 28.27 16.48 1.27
C ASN B 342 28.56 14.99 1.05
N SER B 343 28.74 14.64 -0.23
CA SER B 343 28.94 13.24 -0.59
C SER B 343 30.08 12.61 0.19
N GLU B 344 31.12 13.38 0.47
CA GLU B 344 32.33 12.89 1.12
C GLU B 344 32.25 12.99 2.66
N ARG B 345 31.06 13.13 3.23
CA ARG B 345 30.90 13.21 4.69
C ARG B 345 31.67 14.40 5.26
N GLU B 346 31.32 15.60 4.80
CA GLU B 346 31.94 16.82 5.29
C GLU B 346 30.86 17.85 5.57
N LEU B 347 31.00 18.57 6.68
CA LEU B 347 29.98 19.52 7.10
C LEU B 347 29.97 20.70 6.15
N LEU B 348 28.77 21.08 5.68
CA LEU B 348 28.65 22.18 4.74
C LEU B 348 28.37 23.48 5.45
N GLU B 349 28.88 24.57 4.87
CA GLU B 349 28.57 25.92 5.34
C GLU B 349 27.12 26.27 4.99
N GLN B 350 26.57 27.24 5.71
CA GLN B 350 25.17 27.61 5.49
C GLN B 350 24.90 27.87 4.03
N GLY B 351 23.70 27.54 3.60
CA GLY B 351 23.27 27.85 2.24
C GLY B 351 23.55 26.81 1.19
N GLU B 352 24.76 26.29 1.16
CA GLU B 352 25.14 25.30 0.17
C GLU B 352 24.50 23.95 0.51
N THR B 353 23.68 23.43 -0.41
CA THR B 353 22.81 22.30 -0.13
C THR B 353 23.59 20.98 -0.14
N GLY B 354 23.00 19.99 0.50
CA GLY B 354 23.61 18.67 0.59
C GLY B 354 22.65 17.69 1.23
N GLU B 355 23.22 16.62 1.79
CA GLU B 355 22.41 15.62 2.45
C GLU B 355 22.05 16.08 3.86
N LEU B 356 20.75 16.06 4.14
CA LEU B 356 20.25 16.37 5.47
C LEU B 356 20.53 15.22 6.43
N CYS B 357 21.11 15.56 7.58
CA CYS B 357 21.40 14.59 8.63
C CYS B 357 20.77 15.05 9.93
N ILE B 358 20.36 14.08 10.74
CA ILE B 358 19.67 14.30 12.01
C ILE B 358 20.49 13.67 13.13
N PHE B 359 20.55 14.35 14.27
CA PHE B 359 21.25 13.84 15.44
C PHE B 359 20.45 14.14 16.69
N GLY B 360 20.83 13.48 17.79
CA GLY B 360 20.18 13.66 19.07
C GLY B 360 19.89 12.34 19.76
N PRO B 361 19.25 12.41 20.93
CA PRO B 361 19.04 11.18 21.73
C PRO B 361 18.04 10.22 21.11
N SER B 362 17.25 10.64 20.13
CA SER B 362 16.25 9.77 19.53
C SER B 362 16.70 9.15 18.22
N VAL B 363 17.99 9.25 17.87
CA VAL B 363 18.51 8.54 16.71
C VAL B 363 18.47 7.05 16.99
N ALA B 364 17.90 6.28 16.06
CA ALA B 364 17.73 4.85 16.26
C ALA B 364 19.08 4.17 16.51
N GLN B 365 19.00 2.96 17.06
CA GLN B 365 20.19 2.14 17.24
C GLN B 365 20.83 1.79 15.90
N GLY B 366 20.01 1.62 14.87
CA GLY B 366 20.44 1.21 13.55
C GLY B 366 19.50 0.17 13.01
N TYR B 367 19.93 -0.51 11.94
CA TYR B 367 19.13 -1.53 11.28
C TYR B 367 19.46 -2.92 11.81
N LEU B 368 18.43 -3.71 12.07
CA LEU B 368 18.62 -5.00 12.72
C LEU B 368 19.32 -5.98 11.78
N GLY B 369 20.40 -6.59 12.28
CA GLY B 369 21.06 -7.66 11.57
C GLY B 369 21.62 -7.29 10.21
N ARG B 370 21.97 -6.02 10.02
CA ARG B 370 22.55 -5.55 8.76
C ARG B 370 23.62 -4.52 9.06
N PRO B 371 24.73 -4.95 9.68
CA PRO B 371 25.76 -3.98 10.09
C PRO B 371 26.31 -3.17 8.92
N ASP B 372 26.36 -3.76 7.73
CA ASP B 372 26.70 -3.03 6.51
C ASP B 372 25.92 -1.72 6.42
N LEU B 373 24.60 -1.86 6.26
CA LEU B 373 23.75 -0.70 6.05
C LEU B 373 23.74 0.22 7.27
N THR B 374 23.72 -0.37 8.46
CA THR B 374 23.75 0.43 9.68
C THR B 374 24.96 1.36 9.69
N ALA B 375 26.16 0.78 9.61
CA ALA B 375 27.37 1.58 9.61
C ALA B 375 27.42 2.53 8.42
N ASP B 376 26.73 2.21 7.33
CA ASP B 376 26.73 3.12 6.20
C ASP B 376 25.84 4.35 6.42
N LYS B 377 24.70 4.18 7.08
CA LYS B 377 23.72 5.25 7.20
C LYS B 377 23.72 5.94 8.55
N PHE B 378 24.23 5.29 9.59
CA PHE B 378 24.40 5.90 10.92
C PHE B 378 25.90 6.10 11.13
N ILE B 379 26.34 7.36 11.15
CA ILE B 379 27.76 7.67 11.13
C ILE B 379 28.12 8.52 12.35
N GLU B 380 29.42 8.54 12.67
CA GLU B 380 29.90 9.34 13.77
C GLU B 380 29.71 10.82 13.50
N ASN B 381 29.18 11.55 14.47
CA ASN B 381 29.02 12.99 14.33
C ASN B 381 30.28 13.66 14.87
N PRO B 382 31.19 14.10 13.99
CA PRO B 382 32.43 14.74 14.46
C PRO B 382 32.20 16.09 15.12
N TRP B 383 30.99 16.63 15.06
CA TRP B 383 30.69 17.97 15.57
C TRP B 383 29.69 17.91 16.72
N ALA B 384 29.66 16.79 17.44
CA ALA B 384 28.73 16.65 18.55
C ALA B 384 29.12 17.57 19.70
N MET B 385 28.15 18.32 20.20
CA MET B 385 28.32 19.16 21.38
C MET B 385 27.84 18.48 22.65
N SER B 386 27.72 17.15 22.62
CA SER B 386 27.34 16.38 23.81
C SER B 386 27.33 14.90 23.41
N VAL B 387 27.17 14.04 24.41
CA VAL B 387 27.19 12.60 24.19
C VAL B 387 25.91 12.10 23.55
N GLU B 388 24.86 12.92 23.54
CA GLU B 388 23.61 12.56 22.88
C GLU B 388 23.56 13.01 21.42
N GLU B 389 24.65 13.58 20.91
CA GLU B 389 24.70 14.10 19.54
C GLU B 389 25.77 13.41 18.70
N GLU B 390 26.29 12.27 19.15
CA GLU B 390 27.46 11.66 18.52
C GLU B 390 27.12 10.84 17.29
N LEU B 391 25.85 10.74 16.90
CA LEU B 391 25.43 9.81 15.86
C LEU B 391 24.50 10.53 14.90
N LEU B 392 24.94 10.66 13.64
CA LEU B 392 24.14 11.27 12.59
C LEU B 392 23.47 10.19 11.77
N TYR B 393 22.15 10.28 11.65
CA TYR B 393 21.42 9.51 10.66
C TYR B 393 21.32 10.36 9.39
N ARG B 394 21.83 9.83 8.29
CA ARG B 394 21.73 10.49 7.00
C ARG B 394 20.38 10.18 6.38
N THR B 395 19.53 11.20 6.26
CA THR B 395 18.15 10.99 5.86
C THR B 395 18.02 10.49 4.42
N GLY B 396 19.02 10.72 3.59
CA GLY B 396 18.87 10.53 2.16
C GLY B 396 18.18 11.68 1.47
N ASP B 397 17.66 12.65 2.21
CA ASP B 397 17.05 13.83 1.64
C ASP B 397 18.11 14.88 1.32
N LEU B 398 17.78 15.76 0.38
CA LEU B 398 18.60 16.92 0.07
C LEU B 398 17.94 18.15 0.69
N ALA B 399 18.76 19.05 1.23
CA ALA B 399 18.24 20.19 1.95
C ALA B 399 19.29 21.29 1.98
N LYS B 400 18.87 22.46 2.45
CA LYS B 400 19.78 23.57 2.74
C LYS B 400 19.20 24.43 3.84
N ILE B 401 20.09 25.03 4.63
CA ILE B 401 19.70 25.94 5.71
C ILE B 401 19.81 27.38 5.23
N ASP B 402 18.73 28.14 5.40
CA ASP B 402 18.71 29.53 4.94
C ASP B 402 19.32 30.44 6.00
N GLU B 403 19.35 31.74 5.70
CA GLU B 403 19.99 32.70 6.61
C GLU B 403 19.26 32.89 7.92
N PHE B 404 18.09 32.28 8.09
CA PHE B 404 17.34 32.37 9.35
C PHE B 404 17.44 31.11 10.18
N GLY B 405 18.39 30.24 9.89
CA GLY B 405 18.49 28.98 10.60
C GLY B 405 17.40 27.97 10.32
N GLN B 406 16.61 28.16 9.26
CA GLN B 406 15.57 27.21 8.89
C GLN B 406 16.08 26.23 7.85
N VAL B 407 15.69 24.98 7.99
CA VAL B 407 16.05 23.93 7.04
C VAL B 407 14.97 23.83 5.98
N HIS B 408 15.38 23.67 4.72
CA HIS B 408 14.46 23.52 3.60
C HIS B 408 14.80 22.23 2.87
N CYS B 409 13.81 21.37 2.71
CA CYS B 409 13.95 20.11 1.99
C CYS B 409 13.93 20.33 0.48
N LEU B 410 14.69 19.49 -0.23
CA LEU B 410 14.84 19.62 -1.68
C LEU B 410 14.86 18.26 -2.37
N GLY B 411 14.05 17.32 -1.88
CA GLY B 411 13.93 16.03 -2.54
C GLY B 411 15.03 15.04 -2.17
N ARG B 412 15.07 13.96 -2.94
CA ARG B 412 15.96 12.85 -2.70
C ARG B 412 17.26 13.00 -3.50
N ALA B 413 18.29 12.31 -3.05
CA ALA B 413 19.58 12.31 -3.75
C ALA B 413 19.58 11.33 -4.92
#